data_7QPQ
#
_entry.id   7QPQ
#
_cell.length_a   49.360
_cell.length_b   81.620
_cell.length_c   159.770
_cell.angle_alpha   90.00
_cell.angle_beta   90.00
_cell.angle_gamma   90.00
#
_symmetry.space_group_name_H-M   'P 21 21 21'
#
loop_
_entity.id
_entity.type
_entity.pdbx_description
1 polymer "cAMP and cAMP-inhibited cGMP 3',5'-cyclic phosphodiesterase 10A"
2 non-polymer 'ZINC ION'
3 non-polymer 'MAGNESIUM ION'
4 non-polymer 2-[(1-methyl-4-phenyl-imidazol-2-yl)methylsulfanyl]-[1,2,4]triazolo[1,5-a]pyridine
5 water water
#
_entity_poly.entity_id   1
_entity_poly.type   'polypeptide(L)'
_entity_poly.pdbx_seq_one_letter_code
;MEKLSYHSICTSEEWQGLMQFTLPVRLCKEIELFHFDIGPFENMWPGIFVYMVHRSCGTSCFELEKLCRFIMSVKKNYRR
VPYHNWKHAVTVAHCMYAILQNNHTLFTDLERKGLLIACLCHDLDHRGFSNSYLQKFDHPLAALYSTSTMEQHHFSQTVS
ILQLEGHNIFSTLSSSEYEQVLEIIRKAIIATDLALYFGNRKQLEEMYQTGSLNLNNQSHRDRVIGLMMTACDLCSVTKL
WPVTKLTANDIYAEFWAEGDEMKKLGIQPIPMMDRDKKDEVPQGQLGFYNAVAIPCYTTLTQILPPTEPLLKACRDNLSQ
WEKVIRGEETATWRHHHHHH
;
_entity_poly.pdbx_strand_id   A,B
#
loop_
_chem_comp.id
_chem_comp.type
_chem_comp.name
_chem_comp.formula
EIH non-polymer 2-[(1-methyl-4-phenyl-imidazol-2-yl)methylsulfanyl]-[1,2,4]triazolo[1,5-a]pyridine 'C17 H15 N5 S'
MG non-polymer 'MAGNESIUM ION' 'Mg 2'
ZN non-polymer 'ZINC ION' 'Zn 2'
#
# COMPACT_ATOMS: atom_id res chain seq x y z
N GLY A 17 -4.83 17.13 -17.43
CA GLY A 17 -4.45 15.70 -17.16
C GLY A 17 -5.37 15.04 -16.16
N LEU A 18 -5.62 15.80 -15.05
CA LEU A 18 -6.68 15.48 -14.10
C LEU A 18 -8.00 15.68 -14.83
N MET A 19 -8.00 16.66 -15.77
CA MET A 19 -9.17 17.02 -16.55
C MET A 19 -9.71 15.90 -17.43
N GLN A 20 -8.82 15.00 -17.89
CA GLN A 20 -9.24 13.90 -18.75
C GLN A 20 -9.24 12.54 -18.07
N PHE A 21 -9.00 12.53 -16.74
CA PHE A 21 -9.09 11.31 -15.97
C PHE A 21 -10.54 10.78 -15.94
N THR A 22 -10.69 9.44 -16.04
CA THR A 22 -11.98 8.78 -15.91
C THR A 22 -11.84 7.59 -14.95
N LEU A 23 -12.78 7.50 -13.99
CA LEU A 23 -12.71 6.49 -12.95
C LEU A 23 -13.05 5.14 -13.55
N PRO A 24 -12.17 4.12 -13.34
CA PRO A 24 -12.49 2.79 -13.81
C PRO A 24 -13.85 2.35 -13.28
N VAL A 25 -14.62 1.69 -14.16
CA VAL A 25 -16.00 1.35 -13.85
C VAL A 25 -16.16 0.43 -12.64
N ARG A 26 -15.13 -0.42 -12.37
CA ARG A 26 -15.11 -1.25 -11.16
C ARG A 26 -15.12 -0.41 -9.86
N LEU A 27 -14.47 0.76 -9.92
CA LEU A 27 -14.44 1.67 -8.79
C LEU A 27 -15.77 2.41 -8.61
N CYS A 28 -16.48 2.66 -9.74
CA CYS A 28 -17.73 3.40 -9.70
C CYS A 28 -18.71 2.71 -8.76
N LYS A 29 -18.60 1.37 -8.69
CA LYS A 29 -19.45 0.63 -7.77
C LYS A 29 -18.88 0.72 -6.35
N GLU A 30 -17.57 0.47 -6.20
CA GLU A 30 -16.97 0.29 -4.87
C GLU A 30 -16.88 1.59 -4.05
N ILE A 31 -16.57 2.71 -4.75
CA ILE A 31 -16.48 4.03 -4.14
C ILE A 31 -17.72 4.47 -3.34
N GLU A 32 -18.93 3.89 -3.66
CA GLU A 32 -20.18 4.28 -3.02
C GLU A 32 -20.33 3.71 -1.59
N LEU A 33 -19.50 2.64 -1.29
CA LEU A 33 -19.53 1.90 -0.05
C LEU A 33 -18.67 2.60 1.01
N PHE A 34 -19.12 2.54 2.29
CA PHE A 34 -18.46 3.23 3.39
C PHE A 34 -17.09 2.64 3.64
N HIS A 35 -16.98 1.31 3.53
CA HIS A 35 -15.73 0.63 3.83
C HIS A 35 -14.64 0.79 2.75
N PHE A 36 -14.99 1.43 1.62
CA PHE A 36 -14.08 1.60 0.52
C PHE A 36 -12.77 2.21 1.05
N ASP A 37 -11.66 1.52 0.69
CA ASP A 37 -10.32 1.98 1.04
C ASP A 37 -9.61 2.54 -0.19
N ILE A 38 -9.29 3.86 -0.17
CA ILE A 38 -8.61 4.51 -1.30
C ILE A 38 -7.14 4.10 -1.48
N GLY A 39 -6.50 3.57 -0.42
CA GLY A 39 -5.06 3.33 -0.36
C GLY A 39 -4.32 2.81 -1.57
N PRO A 40 -4.86 1.73 -2.23
CA PRO A 40 -4.19 1.14 -3.37
C PRO A 40 -4.19 1.94 -4.67
N PHE A 41 -4.89 3.09 -4.70
CA PHE A 41 -5.08 3.87 -5.91
C PHE A 41 -4.48 5.27 -5.83
N GLU A 42 -3.26 5.43 -5.28
CA GLU A 42 -2.64 6.75 -5.10
C GLU A 42 -2.75 7.66 -6.32
N ASN A 43 -2.40 7.10 -7.50
CA ASN A 43 -2.36 7.91 -8.72
C ASN A 43 -3.72 8.50 -9.08
N MET A 44 -4.79 7.86 -8.56
CA MET A 44 -6.13 8.24 -8.90
C MET A 44 -6.80 9.18 -7.92
N TRP A 45 -6.15 9.51 -6.78
CA TRP A 45 -6.81 10.25 -5.71
C TRP A 45 -7.43 11.57 -6.17
N PRO A 46 -6.65 12.40 -6.92
CA PRO A 46 -7.24 13.67 -7.35
C PRO A 46 -8.50 13.46 -8.20
N GLY A 47 -8.47 12.43 -9.06
CA GLY A 47 -9.58 12.12 -9.94
C GLY A 47 -10.75 11.51 -9.21
N ILE A 48 -10.45 10.80 -8.12
CA ILE A 48 -11.51 10.27 -7.27
C ILE A 48 -12.27 11.44 -6.65
N PHE A 49 -11.53 12.49 -6.23
CA PHE A 49 -12.18 13.62 -5.59
C PHE A 49 -13.11 14.37 -6.57
N VAL A 50 -12.60 14.65 -7.80
CA VAL A 50 -13.43 15.21 -8.88
C VAL A 50 -14.71 14.39 -9.04
N TYR A 51 -14.56 13.06 -9.23
CA TYR A 51 -15.69 12.15 -9.43
C TYR A 51 -16.73 12.37 -8.33
N MET A 52 -16.25 12.41 -7.06
CA MET A 52 -17.13 12.52 -5.92
C MET A 52 -17.88 13.85 -5.92
N VAL A 53 -17.16 14.94 -6.26
CA VAL A 53 -17.76 16.27 -6.38
C VAL A 53 -18.80 16.30 -7.52
N HIS A 54 -18.46 15.70 -8.67
CA HIS A 54 -19.40 15.64 -9.77
C HIS A 54 -20.65 14.85 -9.43
N ARG A 55 -20.51 13.70 -8.74
CA ARG A 55 -21.66 12.88 -8.39
C ARG A 55 -22.56 13.56 -7.39
N SER A 56 -21.95 14.16 -6.35
CA SER A 56 -22.69 14.74 -5.23
C SER A 56 -23.32 16.09 -5.61
N CYS A 57 -22.48 16.93 -6.24
CA CYS A 57 -22.80 18.32 -6.51
C CYS A 57 -23.13 18.60 -7.99
N GLY A 58 -22.91 17.61 -8.88
CA GLY A 58 -23.19 17.81 -10.29
C GLY A 58 -21.98 18.28 -11.08
N THR A 59 -22.06 18.08 -12.41
CA THR A 59 -20.94 18.33 -13.30
C THR A 59 -20.82 19.78 -13.78
N SER A 60 -21.86 20.60 -13.51
CA SER A 60 -21.96 21.93 -14.09
C SER A 60 -21.77 23.08 -13.10
N CYS A 61 -21.44 22.75 -11.83
CA CYS A 61 -21.39 23.78 -10.80
C CYS A 61 -20.02 24.43 -10.64
N PHE A 62 -18.94 23.64 -10.83
CA PHE A 62 -17.58 24.17 -10.85
C PHE A 62 -17.02 24.14 -12.27
N GLU A 63 -16.24 25.20 -12.62
CA GLU A 63 -15.38 25.17 -13.80
C GLU A 63 -14.33 24.08 -13.58
N LEU A 64 -14.29 23.11 -14.52
CA LEU A 64 -13.42 21.93 -14.35
C LEU A 64 -11.98 22.33 -14.17
N GLU A 65 -11.53 23.33 -14.97
CA GLU A 65 -10.13 23.71 -14.94
C GLU A 65 -9.78 24.22 -13.56
N LYS A 66 -10.66 25.08 -12.99
CA LYS A 66 -10.39 25.68 -11.69
C LYS A 66 -10.32 24.62 -10.58
N LEU A 67 -11.26 23.64 -10.64
CA LEU A 67 -11.39 22.62 -9.61
C LEU A 67 -10.13 21.80 -9.56
N CYS A 68 -9.68 21.36 -10.76
CA CYS A 68 -8.45 20.62 -10.91
C CYS A 68 -7.25 21.39 -10.41
N ARG A 69 -7.22 22.70 -10.72
CA ARG A 69 -6.12 23.56 -10.34
C ARG A 69 -6.09 23.64 -8.81
N PHE A 70 -7.30 23.79 -8.23
CA PHE A 70 -7.47 23.94 -6.80
C PHE A 70 -7.03 22.65 -6.09
N ILE A 71 -7.52 21.51 -6.62
CA ILE A 71 -7.15 20.19 -6.11
C ILE A 71 -5.62 19.98 -6.10
N MET A 72 -4.95 20.18 -7.26
CA MET A 72 -3.51 19.98 -7.30
C MET A 72 -2.73 20.90 -6.34
N SER A 73 -3.31 22.07 -6.01
CA SER A 73 -2.69 23.00 -5.07
C SER A 73 -2.93 22.59 -3.62
N VAL A 74 -4.11 21.99 -3.35
CA VAL A 74 -4.41 21.42 -2.03
C VAL A 74 -3.43 20.27 -1.77
N LYS A 75 -3.26 19.38 -2.76
CA LYS A 75 -2.26 18.32 -2.64
C LYS A 75 -0.87 18.86 -2.31
N LYS A 76 -0.43 19.91 -3.04
CA LYS A 76 0.92 20.46 -2.88
C LYS A 76 1.16 21.01 -1.47
N ASN A 77 0.09 21.51 -0.80
CA ASN A 77 0.22 22.06 0.55
C ASN A 77 -0.08 21.09 1.68
N TYR A 78 -0.08 19.78 1.35
CA TYR A 78 -0.03 18.75 2.36
C TYR A 78 1.42 18.31 2.41
N ARG A 79 1.95 18.20 3.65
CA ARG A 79 3.35 17.84 3.84
C ARG A 79 3.50 16.32 3.92
N ARG A 80 4.76 15.83 3.81
CA ARG A 80 5.03 14.40 3.86
C ARG A 80 5.26 13.99 5.30
N VAL A 81 4.15 13.98 6.06
CA VAL A 81 4.12 13.45 7.41
C VAL A 81 3.46 12.07 7.36
N PRO A 82 3.71 11.24 8.40
CA PRO A 82 3.28 9.87 8.32
C PRO A 82 1.76 9.70 8.26
N TYR A 83 1.02 10.61 8.93
CA TYR A 83 -0.41 10.47 9.01
C TYR A 83 -1.21 11.62 8.42
N HIS A 84 -0.95 12.87 8.88
CA HIS A 84 -1.84 13.96 8.54
C HIS A 84 -1.48 14.56 7.17
N ASN A 85 -1.71 13.73 6.13
CA ASN A 85 -1.20 13.95 4.79
C ASN A 85 -2.32 13.86 3.74
N TRP A 86 -1.91 13.97 2.46
CA TRP A 86 -2.84 13.96 1.34
C TRP A 86 -3.75 12.72 1.31
N LYS A 87 -3.15 11.53 1.50
CA LYS A 87 -3.92 10.30 1.64
C LYS A 87 -5.06 10.45 2.65
N HIS A 88 -4.76 11.05 3.82
CA HIS A 88 -5.72 11.25 4.90
C HIS A 88 -6.85 12.18 4.47
N ALA A 89 -6.49 13.29 3.79
CA ALA A 89 -7.44 14.26 3.26
C ALA A 89 -8.49 13.60 2.36
N VAL A 90 -8.02 12.76 1.42
CA VAL A 90 -8.91 12.12 0.48
C VAL A 90 -9.78 11.06 1.18
N THR A 91 -9.19 10.33 2.15
CA THR A 91 -9.92 9.33 2.95
C THR A 91 -11.11 9.96 3.69
N VAL A 92 -10.86 11.16 4.26
CA VAL A 92 -11.89 11.88 4.98
C VAL A 92 -13.01 12.42 4.06
N ALA A 93 -12.58 12.92 2.88
CA ALA A 93 -13.51 13.39 1.85
C ALA A 93 -14.35 12.26 1.31
N HIS A 94 -13.73 11.10 1.05
CA HIS A 94 -14.51 9.96 0.63
C HIS A 94 -15.60 9.55 1.64
N CYS A 95 -15.26 9.55 2.96
CA CYS A 95 -16.24 9.15 3.97
C CYS A 95 -17.43 10.11 3.94
N MET A 96 -17.15 11.42 3.82
CA MET A 96 -18.19 12.42 3.71
C MET A 96 -19.08 12.14 2.48
N TYR A 97 -18.42 11.90 1.31
CA TYR A 97 -19.15 11.61 0.08
C TYR A 97 -20.21 10.54 0.33
N ALA A 98 -19.80 9.40 0.99
CA ALA A 98 -20.68 8.27 1.27
C ALA A 98 -21.76 8.66 2.28
N ILE A 99 -21.40 9.50 3.28
CA ILE A 99 -22.41 10.03 4.19
C ILE A 99 -23.45 10.85 3.41
N LEU A 100 -22.96 11.72 2.49
CA LEU A 100 -23.84 12.61 1.76
C LEU A 100 -24.71 11.84 0.78
N GLN A 101 -24.12 10.91 0.03
CA GLN A 101 -24.85 10.13 -0.97
C GLN A 101 -26.00 9.40 -0.29
N ASN A 102 -25.74 8.89 0.93
CA ASN A 102 -26.71 8.12 1.67
C ASN A 102 -27.76 8.97 2.40
N ASN A 103 -27.56 10.30 2.41
CA ASN A 103 -28.40 11.23 3.14
C ASN A 103 -28.57 12.49 2.30
N HIS A 104 -28.67 12.31 0.96
CA HIS A 104 -28.42 13.39 0.01
C HIS A 104 -29.25 14.59 0.29
N THR A 105 -30.53 14.29 0.57
CA THR A 105 -31.56 15.27 0.54
C THR A 105 -31.69 16.07 1.83
N LEU A 106 -31.11 15.54 2.94
CA LEU A 106 -31.06 16.28 4.18
C LEU A 106 -30.22 17.55 4.11
N PHE A 107 -29.31 17.66 3.11
CA PHE A 107 -28.35 18.78 3.04
C PHE A 107 -28.56 19.60 1.79
N THR A 108 -28.20 20.89 1.90
CA THR A 108 -28.35 21.79 0.78
C THR A 108 -27.17 21.56 -0.14
N ASP A 109 -27.36 21.91 -1.42
CA ASP A 109 -26.32 21.83 -2.41
C ASP A 109 -25.07 22.63 -1.99
N LEU A 110 -25.30 23.75 -1.29
CA LEU A 110 -24.21 24.59 -0.81
C LEU A 110 -23.37 23.88 0.29
N GLU A 111 -24.09 23.20 1.20
CA GLU A 111 -23.49 22.35 2.22
C GLU A 111 -22.66 21.19 1.64
N ARG A 112 -23.09 20.60 0.51
CA ARG A 112 -22.35 19.50 -0.10
C ARG A 112 -21.01 19.92 -0.70
N LYS A 113 -21.00 21.09 -1.36
CA LYS A 113 -19.77 21.64 -1.92
C LYS A 113 -18.82 21.96 -0.79
N GLY A 114 -19.28 22.77 0.17
CA GLY A 114 -18.47 23.19 1.31
C GLY A 114 -17.88 22.06 2.10
N LEU A 115 -18.71 21.03 2.41
CA LEU A 115 -18.34 19.92 3.26
C LEU A 115 -17.38 18.95 2.58
N LEU A 116 -17.51 18.76 1.25
CA LEU A 116 -16.53 17.98 0.53
C LEU A 116 -15.19 18.69 0.47
N ILE A 117 -15.21 20.02 0.17
CA ILE A 117 -14.01 20.86 0.12
C ILE A 117 -13.33 20.96 1.49
N ALA A 118 -14.11 21.22 2.54
CA ALA A 118 -13.61 21.30 3.92
C ALA A 118 -12.83 20.04 4.29
N CYS A 119 -13.39 18.86 3.98
CA CYS A 119 -12.75 17.58 4.26
C CYS A 119 -11.42 17.43 3.53
N LEU A 120 -11.40 17.75 2.21
CA LEU A 120 -10.13 17.74 1.49
C LEU A 120 -9.06 18.68 2.10
N CYS A 121 -9.51 19.80 2.71
CA CYS A 121 -8.63 20.87 3.18
C CYS A 121 -8.42 20.92 4.68
N HIS A 122 -9.07 20.00 5.42
CA HIS A 122 -9.22 20.10 6.87
C HIS A 122 -7.93 20.01 7.71
N ASP A 123 -6.90 19.32 7.16
CA ASP A 123 -5.56 19.24 7.75
C ASP A 123 -4.50 19.86 6.86
N LEU A 124 -4.86 20.90 6.07
CA LEU A 124 -3.91 21.56 5.15
C LEU A 124 -2.65 22.11 5.89
N ASP A 125 -1.44 21.71 5.42
CA ASP A 125 -0.19 22.24 5.98
C ASP A 125 0.08 21.78 7.47
N HIS A 126 -0.26 20.52 7.77
CA HIS A 126 -0.03 19.94 9.10
C HIS A 126 1.45 19.58 9.19
N ARG A 127 2.10 19.90 10.34
CA ARG A 127 3.53 19.63 10.52
C ARG A 127 3.88 18.32 11.21
N GLY A 128 2.87 17.51 11.56
CA GLY A 128 3.10 16.34 12.40
C GLY A 128 3.14 16.66 13.89
N PHE A 129 2.70 17.88 14.26
CA PHE A 129 2.69 18.32 15.65
C PHE A 129 1.28 18.65 16.12
N SER A 130 0.97 18.22 17.35
CA SER A 130 -0.34 18.46 17.96
C SER A 130 -0.52 19.92 18.44
N ASN A 131 -1.79 20.26 18.75
CA ASN A 131 -2.13 21.56 19.33
C ASN A 131 -1.45 21.72 20.69
N SER A 132 -1.37 20.64 21.47
CA SER A 132 -0.76 20.71 22.79
C SER A 132 0.70 21.08 22.70
N TYR A 133 1.39 20.54 21.68
CA TYR A 133 2.81 20.81 21.49
C TYR A 133 3.02 22.29 21.23
N LEU A 134 2.25 22.83 20.26
CA LEU A 134 2.42 24.20 19.83
C LEU A 134 2.12 25.15 21.00
N GLN A 135 1.13 24.76 21.81
CA GLN A 135 0.74 25.53 22.97
C GLN A 135 1.83 25.42 24.05
N LYS A 136 2.15 24.18 24.50
CA LYS A 136 3.20 23.96 25.49
C LYS A 136 4.49 24.71 25.15
N PHE A 137 5.03 24.58 23.93
CA PHE A 137 6.31 25.19 23.57
C PHE A 137 6.14 26.54 22.87
N ASP A 138 5.07 27.27 23.28
CA ASP A 138 4.74 28.62 22.80
C ASP A 138 5.19 28.90 21.36
N HIS A 139 4.66 28.08 20.43
CA HIS A 139 4.88 28.25 19.01
C HIS A 139 4.06 29.45 18.51
N PRO A 140 4.61 30.23 17.52
CA PRO A 140 3.89 31.38 16.96
C PRO A 140 2.42 31.13 16.63
N LEU A 141 2.13 30.02 15.92
CA LEU A 141 0.75 29.66 15.55
C LEU A 141 -0.21 29.64 16.73
N ALA A 142 0.30 29.20 17.90
CA ALA A 142 -0.47 29.18 19.14
C ALA A 142 -0.65 30.58 19.73
N ALA A 143 0.21 31.52 19.28
CA ALA A 143 0.07 32.92 19.63
C ALA A 143 -1.05 33.58 18.82
N LEU A 144 -1.15 33.25 17.51
CA LEU A 144 -2.24 33.78 16.70
C LEU A 144 -3.56 33.03 16.99
N TYR A 145 -3.50 31.71 17.22
CA TYR A 145 -4.72 30.93 17.49
C TYR A 145 -4.59 30.24 18.84
N SER A 146 -5.43 30.68 19.80
CA SER A 146 -5.26 30.26 21.18
C SER A 146 -5.98 28.95 21.46
N THR A 147 -7.14 28.75 20.82
CA THR A 147 -7.80 27.46 20.87
C THR A 147 -7.86 26.94 19.43
N SER A 148 -8.18 25.63 19.29
CA SER A 148 -8.23 24.96 17.98
C SER A 148 -7.13 25.47 17.06
N THR A 149 -5.90 25.51 17.61
CA THR A 149 -4.76 26.13 16.98
C THR A 149 -4.58 25.77 15.50
N MET A 150 -4.12 24.52 15.23
CA MET A 150 -3.89 24.07 13.88
C MET A 150 -5.14 24.14 13.00
N GLU A 151 -6.31 23.88 13.59
CA GLU A 151 -7.55 23.88 12.83
C GLU A 151 -7.87 25.27 12.28
N GLN A 152 -7.51 26.33 13.04
CA GLN A 152 -7.71 27.70 12.54
C GLN A 152 -6.72 27.97 11.41
N HIS A 153 -5.51 27.43 11.57
CA HIS A 153 -4.49 27.53 10.54
C HIS A 153 -4.92 26.79 9.28
N HIS A 154 -5.59 25.64 9.44
CA HIS A 154 -5.95 24.81 8.30
C HIS A 154 -6.95 25.55 7.38
N PHE A 155 -7.97 26.18 8.02
CA PHE A 155 -8.94 27.05 7.35
C PHE A 155 -8.28 28.25 6.71
N SER A 156 -7.42 28.93 7.46
CA SER A 156 -6.65 30.03 6.91
C SER A 156 -5.87 29.60 5.65
N GLN A 157 -5.32 28.37 5.63
CA GLN A 157 -4.69 27.86 4.42
C GLN A 157 -5.70 27.61 3.28
N THR A 158 -6.92 27.17 3.66
CA THR A 158 -7.97 26.89 2.67
C THR A 158 -8.31 28.17 1.91
N VAL A 159 -8.61 29.26 2.66
CA VAL A 159 -8.94 30.55 2.04
C VAL A 159 -7.80 31.03 1.12
N SER A 160 -6.53 30.89 1.58
CA SER A 160 -5.35 31.30 0.82
C SER A 160 -5.25 30.67 -0.56
N ILE A 161 -5.58 29.37 -0.66
CA ILE A 161 -5.55 28.67 -1.94
C ILE A 161 -6.70 29.15 -2.83
N LEU A 162 -7.91 29.24 -2.25
CA LEU A 162 -9.07 29.83 -2.94
C LEU A 162 -8.72 31.18 -3.57
N GLN A 163 -7.97 32.00 -2.82
CA GLN A 163 -7.57 33.31 -3.28
C GLN A 163 -6.40 33.37 -4.26
N LEU A 164 -5.90 32.21 -4.74
CA LEU A 164 -4.84 32.21 -5.74
C LEU A 164 -5.47 32.42 -7.12
N GLU A 165 -4.61 32.77 -8.10
CA GLU A 165 -5.06 33.04 -9.47
C GLU A 165 -5.62 31.77 -10.09
N GLY A 166 -6.90 31.86 -10.54
CA GLY A 166 -7.53 30.75 -11.25
C GLY A 166 -7.89 29.59 -10.35
N HIS A 167 -7.93 29.84 -9.02
CA HIS A 167 -8.23 28.80 -8.05
C HIS A 167 -9.59 28.95 -7.40
N ASN A 168 -10.26 30.12 -7.57
CA ASN A 168 -11.52 30.30 -6.87
C ASN A 168 -12.70 29.62 -7.53
N ILE A 169 -12.83 28.33 -7.16
CA ILE A 169 -13.91 27.44 -7.55
C ILE A 169 -15.31 27.94 -7.16
N PHE A 170 -15.37 28.93 -6.24
CA PHE A 170 -16.61 29.53 -5.80
C PHE A 170 -16.87 30.93 -6.42
N SER A 171 -16.12 31.30 -7.48
CA SER A 171 -16.14 32.69 -7.97
C SER A 171 -17.44 33.07 -8.66
N THR A 172 -18.24 32.05 -9.02
CA THR A 172 -19.50 32.24 -9.68
C THR A 172 -20.66 32.21 -8.70
N LEU A 173 -20.33 32.11 -7.39
CA LEU A 173 -21.31 32.31 -6.35
C LEU A 173 -21.50 33.81 -6.15
N SER A 174 -22.74 34.20 -5.79
CA SER A 174 -23.00 35.52 -5.27
C SER A 174 -22.16 35.72 -3.99
N SER A 175 -21.97 37.01 -3.63
CA SER A 175 -21.28 37.38 -2.42
C SER A 175 -21.89 36.68 -1.19
N SER A 176 -23.23 36.70 -1.09
CA SER A 176 -23.93 36.11 0.04
C SER A 176 -23.60 34.63 0.21
N GLU A 177 -23.71 33.87 -0.90
CA GLU A 177 -23.40 32.45 -0.90
C GLU A 177 -21.91 32.13 -0.71
N TYR A 178 -21.01 32.97 -1.27
CA TYR A 178 -19.57 32.80 -1.03
C TYR A 178 -19.23 32.82 0.48
N GLU A 179 -19.87 33.76 1.21
CA GLU A 179 -19.62 33.90 2.63
C GLU A 179 -20.41 32.86 3.44
N GLN A 180 -21.48 32.28 2.85
CA GLN A 180 -22.16 31.15 3.45
C GLN A 180 -21.31 29.88 3.39
N VAL A 181 -20.67 29.65 2.23
CA VAL A 181 -19.90 28.43 2.02
C VAL A 181 -18.61 28.46 2.83
N LEU A 182 -17.99 29.63 2.95
CA LEU A 182 -16.81 29.77 3.78
C LEU A 182 -17.11 29.49 5.24
N GLU A 183 -18.31 29.92 5.67
CA GLU A 183 -18.72 29.72 7.05
C GLU A 183 -19.00 28.27 7.38
N ILE A 184 -19.57 27.52 6.41
CA ILE A 184 -19.81 26.10 6.57
C ILE A 184 -18.45 25.41 6.66
N ILE A 185 -17.52 25.85 5.77
CA ILE A 185 -16.18 25.30 5.71
C ILE A 185 -15.45 25.58 7.03
N ARG A 186 -15.59 26.81 7.56
CA ARG A 186 -14.85 27.23 8.75
C ARG A 186 -15.28 26.39 9.94
N LYS A 187 -16.60 26.33 10.19
CA LYS A 187 -17.16 25.53 11.28
C LYS A 187 -16.75 24.06 11.17
N ALA A 188 -16.84 23.52 9.93
CA ALA A 188 -16.53 22.15 9.62
C ALA A 188 -15.09 21.80 10.01
N ILE A 189 -14.12 22.68 9.58
CA ILE A 189 -12.69 22.43 9.84
C ILE A 189 -12.41 22.51 11.34
N ILE A 190 -13.09 23.49 12.04
CA ILE A 190 -12.86 23.71 13.48
C ILE A 190 -13.37 22.49 14.26
N ALA A 191 -14.51 21.94 13.79
CA ALA A 191 -15.11 20.77 14.40
C ALA A 191 -14.17 19.57 14.45
N THR A 192 -13.16 19.51 13.51
CA THR A 192 -12.19 18.42 13.50
C THR A 192 -11.19 18.48 14.65
N ASP A 193 -11.22 19.63 15.42
CA ASP A 193 -10.51 19.71 16.69
C ASP A 193 -11.25 18.81 17.65
N LEU A 194 -10.61 17.67 17.96
CA LEU A 194 -11.16 16.65 18.83
C LEU A 194 -11.54 17.18 20.22
N ALA A 195 -10.81 18.21 20.73
CA ALA A 195 -11.17 18.82 22.01
C ALA A 195 -12.62 19.29 22.05
N LEU A 196 -13.18 19.63 20.86
CA LEU A 196 -14.53 20.19 20.76
C LEU A 196 -15.58 19.11 20.60
N TYR A 197 -15.16 17.93 20.11
CA TYR A 197 -16.07 16.80 19.81
C TYR A 197 -16.88 16.33 21.02
N PHE A 198 -16.21 16.19 22.17
CA PHE A 198 -16.81 15.54 23.34
C PHE A 198 -18.03 16.31 23.82
N GLY A 199 -17.91 17.64 23.90
CA GLY A 199 -19.05 18.49 24.17
C GLY A 199 -20.12 18.38 23.09
N ASN A 200 -19.70 18.35 21.80
CA ASN A 200 -20.64 18.29 20.71
C ASN A 200 -21.50 17.04 20.77
N ARG A 201 -20.85 15.86 20.94
CA ARG A 201 -21.54 14.57 20.90
C ARG A 201 -22.51 14.44 22.09
N LYS A 202 -22.09 15.05 23.24
CA LYS A 202 -22.86 15.06 24.48
C LYS A 202 -24.20 15.78 24.28
N GLN A 203 -24.14 17.00 23.70
CA GLN A 203 -25.34 17.78 23.42
C GLN A 203 -26.26 17.09 22.40
N LEU A 204 -25.68 16.72 21.25
CA LEU A 204 -26.35 15.98 20.18
C LEU A 204 -27.06 14.73 20.69
N GLU A 205 -26.42 13.99 21.62
CA GLU A 205 -27.02 12.77 22.19
C GLU A 205 -28.23 13.12 23.05
N GLU A 206 -28.11 14.19 23.85
CA GLU A 206 -29.21 14.65 24.67
C GLU A 206 -30.36 15.17 23.80
N MET A 207 -30.04 16.02 22.80
CA MET A 207 -31.04 16.45 21.81
C MET A 207 -31.75 15.26 21.17
N TYR A 208 -31.00 14.17 20.93
CA TYR A 208 -31.61 12.99 20.34
C TYR A 208 -32.53 12.24 21.31
N GLN A 209 -32.07 12.01 22.56
CA GLN A 209 -32.83 11.18 23.51
C GLN A 209 -34.12 11.84 24.02
N THR A 210 -34.12 13.19 24.03
CA THR A 210 -35.25 13.98 24.47
C THR A 210 -36.23 14.34 23.34
N GLY A 211 -36.04 13.71 22.15
CA GLY A 211 -36.85 14.01 20.97
C GLY A 211 -36.81 15.45 20.48
N SER A 212 -35.81 16.24 20.95
CA SER A 212 -35.77 17.67 20.67
C SER A 212 -34.95 18.11 19.44
N LEU A 213 -34.17 17.18 18.87
CA LEU A 213 -33.28 17.50 17.75
C LEU A 213 -34.11 17.90 16.53
N ASN A 214 -33.66 18.99 15.87
CA ASN A 214 -34.39 19.54 14.74
C ASN A 214 -33.39 20.04 13.71
N LEU A 215 -33.39 19.36 12.53
CA LEU A 215 -32.41 19.64 11.51
C LEU A 215 -32.60 21.01 10.85
N ASN A 216 -33.81 21.61 10.99
CA ASN A 216 -34.09 22.94 10.44
C ASN A 216 -33.68 24.05 11.40
N ASN A 217 -33.39 23.64 12.65
CA ASN A 217 -32.77 24.48 13.66
C ASN A 217 -31.27 24.57 13.32
N GLN A 218 -30.80 25.79 13.01
CA GLN A 218 -29.46 25.95 12.43
C GLN A 218 -28.31 25.57 13.37
N SER A 219 -28.47 25.83 14.69
CA SER A 219 -27.37 25.53 15.61
C SER A 219 -27.24 24.01 15.75
N HIS A 220 -28.40 23.32 15.73
CA HIS A 220 -28.46 21.87 15.75
C HIS A 220 -27.76 21.30 14.51
N ARG A 221 -28.03 21.96 13.38
CA ARG A 221 -27.55 21.54 12.09
C ARG A 221 -26.03 21.65 12.05
N ASP A 222 -25.49 22.73 12.65
CA ASP A 222 -24.05 22.94 12.76
C ASP A 222 -23.38 21.83 13.57
N ARG A 223 -24.09 21.39 14.63
CA ARG A 223 -23.61 20.33 15.50
C ARG A 223 -23.54 18.96 14.83
N VAL A 224 -24.57 18.68 13.98
CA VAL A 224 -24.69 17.42 13.28
C VAL A 224 -23.59 17.35 12.23
N ILE A 225 -23.37 18.47 11.53
CA ILE A 225 -22.26 18.59 10.60
C ILE A 225 -20.94 18.37 11.35
N GLY A 226 -20.82 18.97 12.56
CA GLY A 226 -19.65 18.76 13.38
C GLY A 226 -19.35 17.29 13.59
N LEU A 227 -20.38 16.52 14.02
CA LEU A 227 -20.27 15.11 14.33
C LEU A 227 -19.85 14.33 13.08
N MET A 228 -20.39 14.78 11.93
CA MET A 228 -20.08 14.20 10.64
C MET A 228 -18.58 14.37 10.35
N MET A 229 -18.09 15.61 10.52
CA MET A 229 -16.68 15.86 10.32
C MET A 229 -15.82 14.95 11.20
N THR A 230 -16.25 14.77 12.47
CA THR A 230 -15.52 13.89 13.36
C THR A 230 -15.55 12.47 12.81
N ALA A 231 -16.76 12.02 12.41
CA ALA A 231 -16.97 10.67 11.96
C ALA A 231 -16.09 10.40 10.76
N CYS A 232 -16.03 11.37 9.82
CA CYS A 232 -15.12 11.30 8.68
C CYS A 232 -13.64 11.27 9.04
N ASP A 233 -13.24 12.21 9.93
CA ASP A 233 -11.86 12.31 10.42
C ASP A 233 -11.33 11.00 11.04
N LEU A 234 -12.21 10.30 11.80
CA LEU A 234 -11.84 9.04 12.43
C LEU A 234 -11.99 7.76 11.59
N CYS A 235 -12.35 7.87 10.29
CA CYS A 235 -12.95 6.73 9.60
C CYS A 235 -12.03 5.53 9.32
N SER A 236 -10.74 5.64 9.66
CA SER A 236 -9.83 4.49 9.59
C SER A 236 -10.37 3.29 10.37
N VAL A 237 -11.03 3.59 11.53
CA VAL A 237 -11.61 2.55 12.38
C VAL A 237 -12.85 1.87 11.80
N THR A 238 -13.32 2.33 10.60
CA THR A 238 -14.48 1.72 9.96
C THR A 238 -14.11 0.96 8.68
N LYS A 239 -12.80 0.85 8.42
CA LYS A 239 -12.29 0.07 7.30
C LYS A 239 -12.13 -1.40 7.75
N LEU A 240 -11.84 -2.31 6.78
CA LEU A 240 -11.49 -3.69 7.13
C LEU A 240 -10.23 -3.69 7.98
N TRP A 241 -10.21 -4.61 8.97
CA TRP A 241 -9.16 -4.70 9.96
C TRP A 241 -7.73 -4.52 9.43
N PRO A 242 -7.36 -5.20 8.32
CA PRO A 242 -5.99 -4.98 7.86
C PRO A 242 -5.66 -3.54 7.46
N VAL A 243 -6.67 -2.78 6.96
CA VAL A 243 -6.45 -1.39 6.60
C VAL A 243 -6.38 -0.56 7.89
N THR A 244 -7.30 -0.86 8.83
CA THR A 244 -7.32 -0.24 10.16
C THR A 244 -5.94 -0.39 10.87
N LYS A 245 -5.42 -1.64 10.92
CA LYS A 245 -4.12 -1.95 11.53
C LYS A 245 -2.99 -1.08 10.93
N LEU A 246 -2.96 -1.03 9.57
CA LEU A 246 -1.88 -0.36 8.85
C LEU A 246 -1.89 1.15 9.03
N THR A 247 -3.11 1.74 9.07
CA THR A 247 -3.25 3.15 9.37
C THR A 247 -2.77 3.50 10.80
N ALA A 248 -3.07 2.62 11.77
CA ALA A 248 -2.61 2.85 13.13
C ALA A 248 -1.10 3.05 13.16
N ASN A 249 -0.38 2.29 12.30
CA ASN A 249 1.07 2.42 12.18
C ASN A 249 1.47 3.84 11.78
N ASP A 250 0.71 4.42 10.83
CA ASP A 250 0.96 5.78 10.39
C ASP A 250 0.73 6.80 11.51
N ILE A 251 -0.39 6.60 12.25
CA ILE A 251 -0.77 7.48 13.33
C ILE A 251 0.34 7.55 14.41
N TYR A 252 0.82 6.37 14.86
CA TYR A 252 1.83 6.28 15.91
C TYR A 252 3.22 6.70 15.40
N ALA A 253 3.52 6.44 14.12
CA ALA A 253 4.76 6.93 13.54
C ALA A 253 4.87 8.45 13.71
N GLU A 254 3.74 9.16 13.46
CA GLU A 254 3.66 10.62 13.66
C GLU A 254 3.68 11.04 15.14
N PHE A 255 2.87 10.38 15.99
CA PHE A 255 2.89 10.65 17.44
C PHE A 255 4.27 10.43 18.07
N TRP A 256 4.92 9.31 17.74
CA TRP A 256 6.23 9.00 18.33
C TRP A 256 7.31 10.01 17.94
N ALA A 257 7.24 10.50 16.68
CA ALA A 257 8.22 11.50 16.24
C ALA A 257 8.05 12.81 17.02
N GLU A 258 6.80 13.19 17.41
CA GLU A 258 6.57 14.35 18.28
C GLU A 258 7.12 14.12 19.71
N GLY A 259 6.79 12.95 20.30
CA GLY A 259 7.34 12.59 21.59
C GLY A 259 8.86 12.56 21.59
N ASP A 260 9.47 12.21 20.44
CA ASP A 260 10.94 12.25 20.32
C ASP A 260 11.53 13.65 20.43
N GLU A 261 10.80 14.66 19.88
CA GLU A 261 11.23 16.04 19.96
C GLU A 261 11.11 16.55 21.40
N MET A 262 10.15 15.98 22.14
CA MET A 262 9.93 16.38 23.51
C MET A 262 11.04 15.86 24.43
N LYS A 263 11.42 14.59 24.22
CA LYS A 263 12.52 13.98 24.94
C LYS A 263 13.82 14.74 24.71
N LYS A 264 14.10 15.07 23.43
CA LYS A 264 15.25 15.89 23.11
C LYS A 264 15.30 17.14 23.99
N LEU A 265 14.11 17.66 24.34
CA LEU A 265 13.99 18.82 25.21
C LEU A 265 13.79 18.46 26.69
N GLY A 266 14.21 17.24 27.10
CA GLY A 266 14.00 16.76 28.47
C GLY A 266 12.56 16.81 28.95
N ILE A 267 11.58 16.64 28.03
CA ILE A 267 10.18 16.53 28.42
C ILE A 267 9.73 15.09 28.12
N GLN A 268 9.18 14.42 29.15
CA GLN A 268 8.65 13.07 28.97
C GLN A 268 7.31 13.28 28.27
N PRO A 269 7.07 12.58 27.14
CA PRO A 269 5.80 12.83 26.48
C PRO A 269 4.72 12.01 27.16
N ILE A 270 3.46 12.29 26.79
CA ILE A 270 2.37 11.42 27.20
C ILE A 270 2.65 10.06 26.57
N PRO A 271 2.13 8.96 27.18
CA PRO A 271 2.41 7.61 26.68
C PRO A 271 2.12 7.40 25.20
N MET A 272 0.98 7.93 24.74
CA MET A 272 0.56 7.87 23.35
C MET A 272 1.67 8.28 22.36
N MET A 273 2.53 9.24 22.78
CA MET A 273 3.60 9.75 21.92
C MET A 273 4.98 9.23 22.29
N ASP A 274 5.01 8.21 23.17
CA ASP A 274 6.26 7.66 23.66
C ASP A 274 6.39 6.30 23.02
N ARG A 275 7.34 6.19 22.06
CA ARG A 275 7.55 4.93 21.35
C ARG A 275 8.00 3.82 22.26
N ASP A 276 8.61 4.20 23.41
CA ASP A 276 9.05 3.22 24.38
C ASP A 276 7.88 2.58 25.14
N LYS A 277 6.66 3.12 24.97
CA LYS A 277 5.46 2.59 25.63
C LYS A 277 4.46 1.89 24.69
N LYS A 278 4.94 1.37 23.54
CA LYS A 278 4.03 0.83 22.51
C LYS A 278 3.24 -0.41 22.89
N ASP A 279 3.71 -1.13 23.94
CA ASP A 279 3.00 -2.25 24.53
C ASP A 279 1.60 -1.83 24.94
N GLU A 280 1.48 -0.54 25.31
CA GLU A 280 0.21 0.01 25.75
C GLU A 280 -0.69 0.45 24.58
N VAL A 281 -0.28 0.17 23.32
CA VAL A 281 -1.06 0.62 22.16
C VAL A 281 -2.44 -0.05 22.07
N PRO A 282 -2.51 -1.41 22.15
CA PRO A 282 -3.77 -2.13 22.04
C PRO A 282 -4.82 -1.65 23.01
N GLN A 283 -4.40 -1.40 24.27
CA GLN A 283 -5.26 -0.83 25.30
C GLN A 283 -5.57 0.66 25.05
N GLY A 284 -4.59 1.38 24.45
CA GLY A 284 -4.79 2.74 23.99
C GLY A 284 -5.82 2.88 22.88
N GLN A 285 -5.83 1.92 21.93
CA GLN A 285 -6.86 1.86 20.92
C GLN A 285 -8.20 1.50 21.55
N LEU A 286 -8.19 0.45 22.44
CA LEU A 286 -9.38 -0.06 23.13
C LEU A 286 -10.13 1.12 23.75
N GLY A 287 -9.36 1.96 24.52
CA GLY A 287 -9.92 3.13 25.18
C GLY A 287 -10.49 4.15 24.22
N PHE A 288 -9.75 4.38 23.12
CA PHE A 288 -10.14 5.33 22.08
C PHE A 288 -11.44 4.90 21.44
N TYR A 289 -11.57 3.58 21.21
CA TYR A 289 -12.82 3.08 20.68
C TYR A 289 -13.93 3.34 21.71
N ASN A 290 -13.69 2.99 23.01
CA ASN A 290 -14.74 3.10 24.02
C ASN A 290 -15.18 4.54 24.32
N ALA A 291 -14.17 5.48 24.41
CA ALA A 291 -14.40 6.87 24.78
C ALA A 291 -14.73 7.77 23.60
N VAL A 292 -14.19 7.44 22.40
CA VAL A 292 -14.30 8.36 21.27
C VAL A 292 -15.12 7.81 20.11
N ALA A 293 -14.65 6.70 19.48
CA ALA A 293 -15.17 6.29 18.18
C ALA A 293 -16.56 5.64 18.25
N ILE A 294 -16.72 4.64 19.14
CA ILE A 294 -18.01 3.96 19.30
C ILE A 294 -19.09 4.98 19.61
N PRO A 295 -18.89 5.81 20.66
CA PRO A 295 -19.93 6.81 20.89
C PRO A 295 -20.21 7.71 19.69
N CYS A 296 -19.16 8.15 18.95
CA CYS A 296 -19.33 9.01 17.78
C CYS A 296 -20.30 8.42 16.77
N TYR A 297 -20.00 7.19 16.33
CA TYR A 297 -20.76 6.55 15.27
C TYR A 297 -22.14 6.10 15.76
N THR A 298 -22.26 5.94 17.10
CA THR A 298 -23.51 5.51 17.73
C THR A 298 -24.51 6.64 17.61
N THR A 299 -24.08 7.87 18.04
CA THR A 299 -24.96 9.04 17.95
C THR A 299 -25.20 9.41 16.49
N LEU A 300 -24.14 9.19 15.62
CA LEU A 300 -24.26 9.54 14.19
C LEU A 300 -25.28 8.64 13.50
N THR A 301 -25.34 7.37 13.93
CA THR A 301 -26.25 6.40 13.35
C THR A 301 -27.66 6.71 13.80
N GLN A 302 -27.79 7.30 15.01
CA GLN A 302 -29.09 7.66 15.54
C GLN A 302 -29.66 8.80 14.73
N ILE A 303 -28.83 9.85 14.49
CA ILE A 303 -29.27 11.01 13.74
C ILE A 303 -29.49 10.64 12.27
N LEU A 304 -28.61 9.77 11.72
CA LEU A 304 -28.56 9.47 10.29
C LEU A 304 -28.43 7.96 10.11
N PRO A 305 -29.57 7.23 10.25
CA PRO A 305 -29.61 5.77 10.15
C PRO A 305 -28.84 5.11 9.01
N PRO A 306 -28.84 5.69 7.77
CA PRO A 306 -28.01 5.12 6.70
C PRO A 306 -26.49 5.04 6.91
N THR A 307 -25.97 5.64 8.01
CA THR A 307 -24.54 5.60 8.32
C THR A 307 -24.16 4.45 9.28
N GLU A 308 -25.15 3.59 9.57
CA GLU A 308 -24.97 2.43 10.44
C GLU A 308 -23.76 1.56 10.08
N PRO A 309 -23.50 1.29 8.77
CA PRO A 309 -22.32 0.47 8.44
C PRO A 309 -20.98 1.01 9.00
N LEU A 310 -20.90 2.32 9.30
CA LEU A 310 -19.73 2.87 9.99
C LEU A 310 -19.58 2.33 11.43
N LEU A 311 -20.72 2.29 12.16
CA LEU A 311 -20.77 1.79 13.53
C LEU A 311 -20.45 0.30 13.55
N LYS A 312 -21.07 -0.44 12.60
CA LYS A 312 -20.86 -1.87 12.42
C LYS A 312 -19.37 -2.16 12.25
N ALA A 313 -18.75 -1.50 11.24
CA ALA A 313 -17.32 -1.63 11.00
C ALA A 313 -16.49 -1.21 12.23
N CYS A 314 -16.91 -0.13 12.92
CA CYS A 314 -16.17 0.32 14.12
C CYS A 314 -16.18 -0.77 15.18
N ARG A 315 -17.37 -1.38 15.42
CA ARG A 315 -17.52 -2.47 16.39
C ARG A 315 -16.66 -3.69 16.07
N ASP A 316 -16.64 -4.09 14.77
CA ASP A 316 -15.78 -5.17 14.32
C ASP A 316 -14.31 -4.90 14.68
N ASN A 317 -13.80 -3.66 14.49
CA ASN A 317 -12.39 -3.40 14.80
C ASN A 317 -12.12 -3.28 16.30
N LEU A 318 -13.14 -2.86 17.09
CA LEU A 318 -13.06 -2.87 18.55
C LEU A 318 -12.78 -4.27 19.04
N SER A 319 -13.55 -5.25 18.53
CA SER A 319 -13.41 -6.62 18.95
C SER A 319 -12.08 -7.24 18.47
N GLN A 320 -11.55 -6.76 17.32
CA GLN A 320 -10.18 -7.12 16.91
C GLN A 320 -9.13 -6.65 17.93
N TRP A 321 -9.29 -5.41 18.43
CA TRP A 321 -8.37 -4.92 19.45
C TRP A 321 -8.53 -5.70 20.75
N GLU A 322 -9.76 -6.11 21.09
CA GLU A 322 -10.02 -6.96 22.25
C GLU A 322 -9.34 -8.33 22.09
N LYS A 323 -9.42 -8.87 20.87
CA LYS A 323 -8.70 -10.09 20.50
C LYS A 323 -7.18 -9.91 20.71
N VAL A 324 -6.61 -8.81 20.17
CA VAL A 324 -5.17 -8.57 20.23
C VAL A 324 -4.67 -8.59 21.68
N ILE A 325 -5.36 -7.82 22.55
CA ILE A 325 -5.00 -7.70 23.95
C ILE A 325 -4.75 -9.06 24.64
N ARG A 326 -5.51 -10.10 24.23
CA ARG A 326 -5.41 -11.44 24.82
C ARG A 326 -4.81 -12.46 23.84
N GLY A 327 -3.58 -12.16 23.35
CA GLY A 327 -2.78 -13.11 22.57
C GLY A 327 -3.42 -13.74 21.34
N GLU A 328 -4.27 -12.98 20.63
CA GLU A 328 -4.97 -13.48 19.45
C GLU A 328 -4.95 -12.41 18.35
N GLY B 17 17.15 -33.39 -25.61
CA GLY B 17 15.72 -33.26 -26.04
C GLY B 17 15.20 -31.83 -25.91
N LEU B 18 15.58 -31.20 -24.77
CA LEU B 18 15.36 -29.77 -24.54
C LEU B 18 15.91 -28.93 -25.72
N MET B 19 17.07 -29.37 -26.27
CA MET B 19 17.74 -28.65 -27.37
C MET B 19 16.88 -28.48 -28.62
N GLN B 20 16.02 -29.48 -28.93
CA GLN B 20 15.12 -29.39 -30.07
C GLN B 20 13.69 -29.11 -29.64
N PHE B 21 13.49 -28.50 -28.45
CA PHE B 21 12.14 -28.11 -28.05
C PHE B 21 11.81 -26.91 -28.90
N THR B 22 10.56 -26.87 -29.38
CA THR B 22 10.06 -25.65 -30.00
C THR B 22 8.76 -25.32 -29.29
N LEU B 23 8.65 -24.05 -28.82
CA LEU B 23 7.43 -23.60 -28.17
C LEU B 23 6.31 -23.66 -29.21
N PRO B 24 5.16 -24.27 -28.84
CA PRO B 24 3.97 -24.22 -29.71
C PRO B 24 3.55 -22.77 -30.01
N VAL B 25 3.27 -22.48 -31.32
CA VAL B 25 2.98 -21.11 -31.79
C VAL B 25 1.80 -20.38 -31.15
N ARG B 26 0.80 -21.16 -30.69
CA ARG B 26 -0.33 -20.57 -29.97
C ARG B 26 0.11 -19.82 -28.70
N LEU B 27 1.31 -20.17 -28.15
CA LEU B 27 1.80 -19.53 -26.93
C LEU B 27 2.76 -18.38 -27.21
N CYS B 28 3.09 -18.14 -28.50
CA CYS B 28 4.07 -17.12 -28.84
C CYS B 28 3.62 -15.68 -28.55
N LYS B 29 2.28 -15.40 -28.61
CA LYS B 29 1.77 -14.12 -28.12
C LYS B 29 1.41 -14.16 -26.62
N GLU B 30 0.83 -15.28 -26.16
CA GLU B 30 0.47 -15.40 -24.75
C GLU B 30 1.62 -15.16 -23.79
N ILE B 31 2.77 -15.79 -24.12
CA ILE B 31 3.95 -15.74 -23.26
C ILE B 31 4.39 -14.30 -22.98
N GLU B 32 4.07 -13.39 -23.93
CA GLU B 32 4.46 -12.00 -23.83
C GLU B 32 3.66 -11.19 -22.82
N LEU B 33 2.44 -11.63 -22.47
CA LEU B 33 1.59 -10.93 -21.52
C LEU B 33 2.16 -11.09 -20.10
N PHE B 34 2.06 -10.00 -19.28
CA PHE B 34 2.59 -10.00 -17.90
C PHE B 34 1.88 -11.06 -17.06
N HIS B 35 0.56 -11.25 -17.34
CA HIS B 35 -0.29 -12.13 -16.54
C HIS B 35 -0.30 -13.59 -17.00
N PHE B 36 0.57 -13.93 -17.98
CA PHE B 36 0.73 -15.29 -18.44
C PHE B 36 1.10 -16.24 -17.31
N ASP B 37 0.34 -17.37 -17.28
CA ASP B 37 0.44 -18.43 -16.30
C ASP B 37 1.06 -19.65 -16.96
N ILE B 38 2.28 -20.01 -16.51
CA ILE B 38 2.98 -21.17 -17.04
C ILE B 38 2.34 -22.49 -16.58
N GLY B 39 1.56 -22.43 -15.47
CA GLY B 39 1.02 -23.61 -14.77
C GLY B 39 0.65 -24.83 -15.61
N PRO B 40 -0.22 -24.66 -16.64
CA PRO B 40 -0.65 -25.77 -17.50
C PRO B 40 0.39 -26.38 -18.43
N PHE B 41 1.68 -26.05 -18.29
CA PHE B 41 2.66 -26.39 -19.32
C PHE B 41 3.95 -26.94 -18.74
N GLU B 42 3.80 -27.77 -17.67
CA GLU B 42 4.96 -28.26 -16.91
C GLU B 42 6.04 -28.94 -17.73
N ASN B 43 5.64 -29.83 -18.66
CA ASN B 43 6.60 -30.43 -19.60
C ASN B 43 7.42 -29.41 -20.42
N MET B 44 6.85 -28.21 -20.62
CA MET B 44 7.49 -27.18 -21.44
C MET B 44 8.34 -26.13 -20.70
N TRP B 45 8.35 -26.14 -19.35
CA TRP B 45 8.95 -25.04 -18.57
C TRP B 45 10.42 -24.82 -18.86
N PRO B 46 11.22 -25.91 -18.95
CA PRO B 46 12.61 -25.69 -19.34
C PRO B 46 12.69 -25.09 -20.75
N GLY B 47 11.85 -25.57 -21.68
CA GLY B 47 11.85 -25.06 -23.05
C GLY B 47 11.35 -23.63 -23.16
N ILE B 48 10.52 -23.21 -22.18
CA ILE B 48 10.05 -21.84 -22.06
C ILE B 48 11.21 -20.95 -21.65
N PHE B 49 12.05 -21.42 -20.69
CA PHE B 49 13.19 -20.62 -20.29
C PHE B 49 14.12 -20.40 -21.48
N VAL B 50 14.46 -21.50 -22.21
CA VAL B 50 15.27 -21.40 -23.44
C VAL B 50 14.65 -20.41 -24.42
N TYR B 51 13.33 -20.52 -24.65
CA TYR B 51 12.65 -19.56 -25.51
C TYR B 51 12.85 -18.08 -25.07
N MET B 52 12.62 -17.82 -23.77
CA MET B 52 12.69 -16.47 -23.24
C MET B 52 14.11 -15.87 -23.33
N VAL B 53 15.12 -16.71 -23.07
CA VAL B 53 16.51 -16.32 -23.22
C VAL B 53 16.84 -16.07 -24.71
N HIS B 54 16.28 -16.92 -25.63
CA HIS B 54 16.55 -16.74 -27.05
C HIS B 54 15.96 -15.42 -27.57
N ARG B 55 14.68 -15.10 -27.21
CA ARG B 55 14.06 -13.85 -27.64
C ARG B 55 14.76 -12.62 -27.05
N SER B 56 15.03 -12.65 -25.73
CA SER B 56 15.59 -11.52 -25.01
C SER B 56 17.07 -11.30 -25.36
N CYS B 57 17.84 -12.39 -25.51
CA CYS B 57 19.28 -12.29 -25.75
C CYS B 57 19.76 -12.77 -27.12
N GLY B 58 18.82 -13.20 -28.02
CA GLY B 58 19.24 -13.75 -29.30
C GLY B 58 19.71 -15.18 -29.11
N THR B 59 19.61 -15.95 -30.24
CA THR B 59 19.82 -17.40 -30.25
C THR B 59 21.27 -17.87 -30.27
N SER B 60 22.23 -16.92 -30.32
CA SER B 60 23.64 -17.27 -30.33
C SER B 60 24.43 -16.46 -29.30
N CYS B 61 23.86 -16.32 -28.08
CA CYS B 61 24.56 -15.66 -26.98
C CYS B 61 25.00 -16.68 -25.94
N PHE B 62 24.30 -17.82 -25.92
CA PHE B 62 24.72 -18.93 -25.11
C PHE B 62 24.93 -20.10 -26.03
N GLU B 63 26.02 -20.88 -25.77
CA GLU B 63 26.31 -22.09 -26.50
C GLU B 63 25.18 -23.02 -26.06
N LEU B 64 24.46 -23.60 -27.09
CA LEU B 64 23.14 -24.16 -26.84
C LEU B 64 23.21 -25.27 -25.79
N GLU B 65 24.01 -26.37 -26.07
CA GLU B 65 24.08 -27.49 -25.14
C GLU B 65 24.51 -27.14 -23.71
N LYS B 66 25.35 -26.09 -23.52
CA LYS B 66 25.74 -25.63 -22.18
C LYS B 66 24.54 -25.05 -21.44
N LEU B 67 23.68 -24.30 -22.16
CA LEU B 67 22.49 -23.69 -21.56
C LEU B 67 21.46 -24.76 -21.17
N CYS B 68 21.29 -25.78 -22.04
CA CYS B 68 20.41 -26.91 -21.74
C CYS B 68 20.91 -27.80 -20.59
N ARG B 69 22.25 -28.02 -20.52
CA ARG B 69 22.84 -28.74 -19.38
C ARG B 69 22.56 -27.93 -18.13
N PHE B 70 22.85 -26.62 -18.25
CA PHE B 70 22.71 -25.70 -17.15
C PHE B 70 21.30 -25.69 -16.57
N ILE B 71 20.30 -25.56 -17.46
CA ILE B 71 18.88 -25.45 -17.08
C ILE B 71 18.39 -26.68 -16.35
N MET B 72 18.82 -27.87 -16.84
CA MET B 72 18.33 -29.14 -16.30
C MET B 72 18.95 -29.46 -14.93
N SER B 73 20.20 -28.91 -14.69
CA SER B 73 20.86 -29.06 -13.39
C SER B 73 20.27 -28.10 -12.36
N VAL B 74 19.93 -26.85 -12.82
CA VAL B 74 19.18 -25.87 -11.99
C VAL B 74 17.85 -26.49 -11.53
N LYS B 75 17.12 -27.08 -12.49
CA LYS B 75 15.87 -27.78 -12.18
C LYS B 75 16.02 -28.84 -11.10
N LYS B 76 17.05 -29.68 -11.27
CA LYS B 76 17.28 -30.80 -10.39
C LYS B 76 17.58 -30.31 -8.95
N ASN B 77 18.23 -29.10 -8.86
CA ASN B 77 18.60 -28.52 -7.59
C ASN B 77 17.51 -27.65 -6.95
N TYR B 78 16.24 -27.71 -7.49
CA TYR B 78 15.08 -27.26 -6.73
C TYR B 78 14.47 -28.50 -6.09
N ARG B 79 14.04 -28.34 -4.83
CA ARG B 79 13.52 -29.47 -4.06
C ARG B 79 12.02 -29.56 -4.23
N ARG B 80 11.47 -30.71 -3.82
CA ARG B 80 10.03 -30.95 -3.89
C ARG B 80 9.36 -30.35 -2.66
N VAL B 81 9.44 -29.00 -2.52
CA VAL B 81 8.72 -28.24 -1.50
C VAL B 81 7.50 -27.57 -2.13
N PRO B 82 6.50 -27.18 -1.31
CA PRO B 82 5.24 -26.66 -1.86
C PRO B 82 5.29 -25.34 -2.67
N TYR B 83 6.20 -24.40 -2.34
CA TYR B 83 6.22 -23.11 -3.02
C TYR B 83 7.56 -22.71 -3.66
N HIS B 84 8.70 -22.79 -2.91
CA HIS B 84 9.99 -22.36 -3.44
C HIS B 84 10.64 -23.54 -4.17
N ASN B 85 10.05 -23.81 -5.40
CA ASN B 85 10.28 -25.01 -6.18
C ASN B 85 10.41 -24.57 -7.62
N TRP B 86 10.58 -25.55 -8.55
CA TRP B 86 10.93 -25.28 -9.96
C TRP B 86 9.87 -24.42 -10.66
N LYS B 87 8.59 -24.67 -10.32
CA LYS B 87 7.51 -23.85 -10.83
C LYS B 87 7.69 -22.36 -10.52
N HIS B 88 8.05 -22.06 -9.25
CA HIS B 88 8.22 -20.69 -8.82
C HIS B 88 9.43 -20.06 -9.53
N ALA B 89 10.51 -20.85 -9.75
CA ALA B 89 11.70 -20.32 -10.42
C ALA B 89 11.35 -19.83 -11.83
N VAL B 90 10.62 -20.67 -12.60
CA VAL B 90 10.31 -20.34 -13.99
C VAL B 90 9.30 -19.18 -14.02
N THR B 91 8.37 -19.14 -13.05
CA THR B 91 7.38 -18.07 -13.01
C THR B 91 8.00 -16.69 -12.79
N VAL B 92 8.92 -16.60 -11.82
CA VAL B 92 9.67 -15.40 -11.60
C VAL B 92 10.48 -15.03 -12.84
N ALA B 93 11.15 -16.01 -13.45
CA ALA B 93 11.95 -15.80 -14.67
C ALA B 93 11.12 -15.20 -15.80
N HIS B 94 9.89 -15.73 -15.97
CA HIS B 94 8.96 -15.23 -16.96
C HIS B 94 8.57 -13.77 -16.74
N CYS B 95 8.37 -13.37 -15.46
CA CYS B 95 7.98 -12.01 -15.18
C CYS B 95 9.13 -11.07 -15.54
N MET B 96 10.37 -11.51 -15.23
CA MET B 96 11.53 -10.72 -15.61
C MET B 96 11.55 -10.54 -17.13
N TYR B 97 11.31 -11.66 -17.84
CA TYR B 97 11.19 -11.63 -19.30
C TYR B 97 10.25 -10.54 -19.79
N ALA B 98 8.99 -10.59 -19.33
CA ALA B 98 7.97 -9.60 -19.70
C ALA B 98 8.41 -8.17 -19.39
N ILE B 99 9.06 -7.97 -18.23
CA ILE B 99 9.57 -6.64 -17.88
C ILE B 99 10.63 -6.23 -18.87
N LEU B 100 11.57 -7.15 -19.16
CA LEU B 100 12.68 -6.84 -20.03
C LEU B 100 12.19 -6.52 -21.47
N GLN B 101 11.22 -7.30 -21.98
CA GLN B 101 10.68 -7.10 -23.32
C GLN B 101 9.95 -5.76 -23.48
N ASN B 102 9.43 -5.23 -22.36
CA ASN B 102 8.63 -4.02 -22.38
C ASN B 102 9.42 -2.76 -22.03
N ASN B 103 10.73 -2.91 -21.88
CA ASN B 103 11.62 -1.84 -21.41
C ASN B 103 12.93 -2.06 -22.13
N HIS B 104 12.81 -2.23 -23.49
CA HIS B 104 13.81 -3.00 -24.23
C HIS B 104 15.13 -2.27 -24.42
N THR B 105 15.06 -0.90 -24.42
CA THR B 105 16.27 -0.11 -24.57
C THR B 105 16.99 0.20 -23.26
N LEU B 106 16.35 -0.08 -22.11
CA LEU B 106 16.94 0.30 -20.83
C LEU B 106 18.08 -0.59 -20.41
N PHE B 107 17.90 -1.92 -20.49
CA PHE B 107 18.89 -2.83 -19.94
C PHE B 107 19.87 -3.35 -21.00
N THR B 108 21.14 -3.49 -20.58
CA THR B 108 22.20 -3.98 -21.47
C THR B 108 22.06 -5.49 -21.68
N ASP B 109 22.76 -6.00 -22.72
CA ASP B 109 22.71 -7.45 -23.02
C ASP B 109 23.26 -8.23 -21.81
N LEU B 110 24.30 -7.67 -21.17
CA LEU B 110 24.94 -8.31 -20.03
C LEU B 110 23.98 -8.35 -18.81
N GLU B 111 23.23 -7.26 -18.60
CA GLU B 111 22.19 -7.21 -17.58
C GLU B 111 21.03 -8.19 -17.83
N ARG B 112 20.56 -8.25 -19.10
CA ARG B 112 19.42 -9.08 -19.44
C ARG B 112 19.74 -10.57 -19.26
N LYS B 113 20.93 -10.97 -19.77
CA LYS B 113 21.51 -12.30 -19.54
C LYS B 113 21.50 -12.63 -18.06
N GLY B 114 22.16 -11.76 -17.27
CA GLY B 114 22.35 -12.00 -15.85
C GLY B 114 21.05 -12.14 -15.08
N LEU B 115 20.09 -11.22 -15.36
CA LEU B 115 18.83 -11.17 -14.62
C LEU B 115 17.90 -12.35 -14.84
N LEU B 116 17.80 -12.84 -16.10
CA LEU B 116 17.02 -14.05 -16.40
C LEU B 116 17.63 -15.29 -15.74
N ILE B 117 18.97 -15.38 -15.71
CA ILE B 117 19.62 -16.48 -15.00
C ILE B 117 19.43 -16.33 -13.48
N ALA B 118 19.63 -15.10 -12.97
CA ALA B 118 19.43 -14.81 -11.56
C ALA B 118 18.02 -15.23 -11.09
N CYS B 119 16.99 -14.88 -11.88
CA CYS B 119 15.61 -15.23 -11.55
C CYS B 119 15.36 -16.72 -11.54
N LEU B 120 15.94 -17.46 -12.52
CA LEU B 120 15.80 -18.91 -12.53
C LEU B 120 16.41 -19.59 -11.27
N CYS B 121 17.54 -19.04 -10.80
CA CYS B 121 18.34 -19.65 -9.77
C CYS B 121 18.14 -19.03 -8.40
N HIS B 122 17.26 -18.02 -8.28
CA HIS B 122 17.22 -17.20 -7.08
C HIS B 122 16.71 -17.92 -5.81
N ASP B 123 16.05 -19.08 -5.95
CA ASP B 123 15.61 -19.86 -4.79
C ASP B 123 16.18 -21.28 -4.79
N LEU B 124 17.39 -21.44 -5.38
CA LEU B 124 17.98 -22.77 -5.62
C LEU B 124 18.31 -23.50 -4.32
N ASP B 125 17.78 -24.77 -4.23
CA ASP B 125 18.06 -25.67 -3.10
C ASP B 125 17.42 -25.10 -1.83
N HIS B 126 16.17 -24.53 -2.04
CA HIS B 126 15.36 -24.04 -0.95
C HIS B 126 14.88 -25.26 -0.20
N ARG B 127 14.83 -25.12 1.14
CA ARG B 127 14.50 -26.20 2.06
C ARG B 127 13.07 -26.12 2.55
N GLY B 128 12.39 -25.00 2.20
CA GLY B 128 11.06 -24.68 2.70
C GLY B 128 11.05 -24.02 4.06
N PHE B 129 12.17 -23.36 4.42
CA PHE B 129 12.32 -22.68 5.69
C PHE B 129 12.81 -21.24 5.51
N SER B 130 12.18 -20.34 6.29
CA SER B 130 12.54 -18.93 6.36
C SER B 130 13.96 -18.76 6.95
N ASN B 131 14.53 -17.53 6.72
CA ASN B 131 15.81 -17.19 7.33
C ASN B 131 15.69 -17.21 8.85
N SER B 132 14.53 -16.78 9.39
CA SER B 132 14.32 -16.74 10.84
C SER B 132 14.39 -18.09 11.52
N TYR B 133 13.81 -19.12 10.86
CA TYR B 133 13.88 -20.49 11.39
C TYR B 133 15.33 -20.92 11.54
N LEU B 134 16.11 -20.77 10.45
CA LEU B 134 17.49 -21.26 10.41
C LEU B 134 18.31 -20.56 11.48
N GLN B 135 18.12 -19.24 11.59
CA GLN B 135 18.80 -18.45 12.58
C GLN B 135 18.41 -18.84 14.02
N LYS B 136 17.09 -19.08 14.25
CA LYS B 136 16.59 -19.40 15.58
C LYS B 136 17.15 -20.73 16.06
N PHE B 137 17.23 -21.72 15.15
CA PHE B 137 17.70 -23.04 15.53
C PHE B 137 19.16 -23.29 15.23
N ASP B 138 19.91 -22.22 14.94
CA ASP B 138 21.34 -22.33 14.73
C ASP B 138 21.67 -23.44 13.71
N HIS B 139 20.99 -23.38 12.53
CA HIS B 139 21.25 -24.27 11.40
C HIS B 139 22.56 -23.82 10.74
N PRO B 140 23.39 -24.77 10.19
CA PRO B 140 24.73 -24.42 9.66
C PRO B 140 24.77 -23.27 8.65
N LEU B 141 23.78 -23.24 7.72
CA LEU B 141 23.62 -22.11 6.79
C LEU B 141 23.54 -20.75 7.48
N ALA B 142 22.86 -20.70 8.64
CA ALA B 142 22.80 -19.49 9.45
C ALA B 142 24.15 -19.31 10.15
N ALA B 143 24.79 -20.44 10.50
CA ALA B 143 26.12 -20.43 11.07
C ALA B 143 27.08 -19.70 10.13
N LEU B 144 27.06 -20.00 8.81
CA LEU B 144 27.96 -19.31 7.86
C LEU B 144 27.42 -18.03 7.22
N TYR B 145 26.11 -18.00 6.89
CA TYR B 145 25.49 -16.80 6.30
C TYR B 145 24.65 -16.10 7.36
N SER B 146 25.22 -15.04 7.95
CA SER B 146 24.66 -14.41 9.14
C SER B 146 23.33 -13.72 8.86
N THR B 147 23.29 -13.00 7.72
CA THR B 147 22.05 -12.40 7.23
C THR B 147 21.81 -12.82 5.79
N SER B 148 20.59 -12.48 5.30
CA SER B 148 20.12 -12.97 4.00
C SER B 148 20.56 -14.42 3.79
N THR B 149 20.20 -15.27 4.78
CA THR B 149 20.83 -16.57 4.96
C THR B 149 20.67 -17.46 3.72
N MET B 150 19.40 -17.76 3.35
CA MET B 150 19.15 -18.56 2.17
C MET B 150 19.59 -17.86 0.90
N GLU B 151 19.36 -16.55 0.78
CA GLU B 151 19.67 -15.86 -0.46
C GLU B 151 21.18 -15.98 -0.83
N GLN B 152 22.05 -15.97 0.22
CA GLN B 152 23.48 -16.18 0.02
C GLN B 152 23.74 -17.62 -0.44
N HIS B 153 23.02 -18.60 0.20
CA HIS B 153 23.12 -20.02 -0.17
C HIS B 153 22.72 -20.22 -1.63
N HIS B 154 21.63 -19.51 -2.05
CA HIS B 154 21.06 -19.62 -3.41
C HIS B 154 22.06 -19.18 -4.48
N PHE B 155 22.78 -18.07 -4.23
CA PHE B 155 23.86 -17.65 -5.11
C PHE B 155 25.03 -18.62 -5.11
N SER B 156 25.36 -19.18 -3.92
CA SER B 156 26.37 -20.22 -3.83
C SER B 156 26.02 -21.45 -4.67
N GLN B 157 24.72 -21.79 -4.72
CA GLN B 157 24.28 -22.92 -5.54
C GLN B 157 24.41 -22.57 -7.03
N THR B 158 24.07 -21.32 -7.38
CA THR B 158 24.24 -20.84 -8.76
C THR B 158 25.70 -20.98 -9.24
N VAL B 159 26.65 -20.50 -8.42
CA VAL B 159 28.06 -20.51 -8.77
C VAL B 159 28.62 -21.93 -8.88
N SER B 160 28.26 -22.80 -7.91
CA SER B 160 28.57 -24.23 -8.00
C SER B 160 28.10 -24.90 -9.30
N ILE B 161 26.89 -24.56 -9.79
CA ILE B 161 26.37 -25.22 -11.00
C ILE B 161 27.06 -24.68 -12.25
N LEU B 162 27.36 -23.36 -12.27
CA LEU B 162 28.14 -22.76 -13.36
C LEU B 162 29.47 -23.48 -13.55
N GLN B 163 30.12 -23.77 -12.40
CA GLN B 163 31.43 -24.40 -12.35
C GLN B 163 31.41 -25.95 -12.47
N LEU B 164 30.25 -26.56 -12.77
CA LEU B 164 30.21 -27.97 -13.16
C LEU B 164 30.80 -28.09 -14.58
N GLU B 165 31.30 -29.33 -14.90
CA GLU B 165 31.79 -29.62 -16.26
C GLU B 165 30.67 -29.45 -17.28
N GLY B 166 30.91 -28.58 -18.29
CA GLY B 166 29.99 -28.38 -19.39
C GLY B 166 28.82 -27.47 -19.07
N HIS B 167 28.93 -26.70 -17.96
CA HIS B 167 27.82 -25.86 -17.52
C HIS B 167 28.08 -24.36 -17.54
N ASN B 168 29.31 -23.92 -17.90
CA ASN B 168 29.62 -22.49 -17.86
C ASN B 168 29.16 -21.76 -19.13
N ILE B 169 27.86 -21.42 -19.09
CA ILE B 169 27.21 -20.62 -20.12
C ILE B 169 27.92 -19.29 -20.40
N PHE B 170 28.80 -18.84 -19.48
CA PHE B 170 29.53 -17.58 -19.64
C PHE B 170 31.00 -17.75 -20.05
N SER B 171 31.35 -18.95 -20.63
CA SER B 171 32.73 -19.22 -21.00
C SER B 171 33.22 -18.28 -22.10
N THR B 172 32.26 -17.80 -22.95
CA THR B 172 32.56 -16.87 -24.05
C THR B 172 32.80 -15.41 -23.59
N LEU B 173 32.42 -15.07 -22.34
CA LEU B 173 32.60 -13.72 -21.79
C LEU B 173 34.06 -13.52 -21.41
N SER B 174 34.54 -12.25 -21.52
CA SER B 174 35.87 -11.89 -21.02
C SER B 174 35.90 -12.05 -19.51
N SER B 175 37.09 -11.83 -18.91
CA SER B 175 37.24 -11.92 -17.46
C SER B 175 36.46 -10.82 -16.73
N SER B 176 36.55 -9.59 -17.28
CA SER B 176 35.87 -8.43 -16.72
C SER B 176 34.36 -8.59 -16.84
N GLU B 177 33.91 -9.14 -18.00
CA GLU B 177 32.50 -9.36 -18.26
C GLU B 177 31.89 -10.46 -17.39
N TYR B 178 32.72 -11.48 -17.07
CA TYR B 178 32.28 -12.58 -16.23
C TYR B 178 32.13 -12.10 -14.80
N GLU B 179 33.13 -11.34 -14.32
CA GLU B 179 33.07 -10.76 -12.98
C GLU B 179 31.83 -9.85 -12.83
N GLN B 180 31.53 -9.07 -13.90
CA GLN B 180 30.38 -8.18 -13.90
C GLN B 180 29.06 -8.95 -13.69
N VAL B 181 28.83 -9.94 -14.57
CA VAL B 181 27.56 -10.66 -14.61
C VAL B 181 27.28 -11.46 -13.34
N LEU B 182 28.35 -11.99 -12.70
CA LEU B 182 28.17 -12.70 -11.46
C LEU B 182 27.81 -11.73 -10.34
N GLU B 183 28.23 -10.45 -10.48
CA GLU B 183 27.84 -9.42 -9.53
C GLU B 183 26.41 -8.98 -9.73
N ILE B 184 26.01 -8.84 -11.01
CA ILE B 184 24.60 -8.59 -11.35
C ILE B 184 23.76 -9.67 -10.68
N ILE B 185 24.20 -10.94 -10.83
CA ILE B 185 23.45 -12.09 -10.36
C ILE B 185 23.42 -12.10 -8.83
N ARG B 186 24.60 -11.85 -8.22
CA ARG B 186 24.70 -11.87 -6.77
C ARG B 186 23.77 -10.82 -6.18
N LYS B 187 23.87 -9.55 -6.70
CA LYS B 187 23.10 -8.42 -6.18
C LYS B 187 21.58 -8.70 -6.33
N ALA B 188 21.21 -9.34 -7.49
CA ALA B 188 19.81 -9.63 -7.83
C ALA B 188 19.19 -10.67 -6.91
N ILE B 189 19.94 -11.75 -6.64
CA ILE B 189 19.47 -12.84 -5.78
C ILE B 189 19.37 -12.35 -4.33
N ILE B 190 20.39 -11.59 -3.87
CA ILE B 190 20.35 -11.03 -2.51
C ILE B 190 19.18 -10.06 -2.36
N ALA B 191 18.88 -9.31 -3.45
CA ALA B 191 17.77 -8.38 -3.43
C ALA B 191 16.43 -9.07 -3.15
N THR B 192 16.33 -10.39 -3.44
CA THR B 192 15.07 -11.11 -3.16
C THR B 192 14.84 -11.45 -1.69
N ASP B 193 15.77 -10.97 -0.82
CA ASP B 193 15.56 -10.96 0.62
C ASP B 193 14.62 -9.79 0.92
N LEU B 194 13.35 -10.13 1.24
CA LEU B 194 12.31 -9.13 1.43
C LEU B 194 12.65 -8.11 2.52
N ALA B 195 13.40 -8.54 3.57
CA ALA B 195 13.90 -7.62 4.59
C ALA B 195 14.65 -6.41 3.99
N LEU B 196 15.37 -6.66 2.87
CA LEU B 196 16.10 -5.61 2.18
C LEU B 196 15.22 -4.73 1.30
N TYR B 197 14.03 -5.26 0.93
CA TYR B 197 13.10 -4.58 0.00
C TYR B 197 12.59 -3.24 0.51
N PHE B 198 12.23 -3.20 1.81
CA PHE B 198 11.53 -2.05 2.34
C PHE B 198 12.40 -0.80 2.24
N GLY B 199 13.67 -0.92 2.69
CA GLY B 199 14.61 0.17 2.59
C GLY B 199 14.85 0.58 1.14
N ASN B 200 14.98 -0.45 0.26
CA ASN B 200 15.28 -0.22 -1.15
C ASN B 200 14.20 0.60 -1.85
N ARG B 201 12.93 0.23 -1.63
CA ARG B 201 11.80 0.93 -2.25
C ARG B 201 11.60 2.34 -1.68
N LYS B 202 11.90 2.49 -0.37
CA LYS B 202 11.85 3.79 0.31
C LYS B 202 12.82 4.77 -0.35
N GLN B 203 14.08 4.31 -0.52
CA GLN B 203 15.10 5.13 -1.17
C GLN B 203 14.68 5.53 -2.60
N LEU B 204 14.39 4.51 -3.43
CA LEU B 204 13.89 4.71 -4.81
C LEU B 204 12.73 5.71 -4.88
N GLU B 205 11.79 5.60 -3.91
CA GLU B 205 10.64 6.49 -3.87
C GLU B 205 11.07 7.93 -3.68
N GLU B 206 11.96 8.13 -2.69
CA GLU B 206 12.53 9.43 -2.35
C GLU B 206 13.37 9.98 -3.51
N MET B 207 14.16 9.10 -4.18
CA MET B 207 14.92 9.52 -5.34
C MET B 207 14.04 10.01 -6.49
N TYR B 208 12.96 9.27 -6.79
CA TYR B 208 12.16 9.54 -7.99
C TYR B 208 11.44 10.87 -7.89
N GLN B 209 10.83 11.10 -6.72
CA GLN B 209 10.06 12.32 -6.50
C GLN B 209 10.91 13.59 -6.39
N THR B 210 12.15 13.46 -5.86
CA THR B 210 13.08 14.59 -5.82
C THR B 210 13.82 14.75 -7.16
N GLY B 211 13.61 13.80 -8.10
CA GLY B 211 14.17 13.89 -9.42
C GLY B 211 15.61 13.44 -9.54
N SER B 212 16.19 12.94 -8.42
CA SER B 212 17.60 12.55 -8.38
C SER B 212 17.88 11.15 -8.92
N LEU B 213 16.80 10.39 -9.20
CA LEU B 213 16.97 9.07 -9.80
C LEU B 213 17.60 9.24 -11.19
N ASN B 214 18.65 8.43 -11.44
CA ASN B 214 19.48 8.61 -12.62
C ASN B 214 20.07 7.26 -12.99
N LEU B 215 19.53 6.64 -14.05
CA LEU B 215 19.94 5.30 -14.47
C LEU B 215 21.39 5.21 -14.96
N ASN B 216 22.03 6.35 -15.24
CA ASN B 216 23.48 6.41 -15.38
C ASN B 216 24.24 6.02 -14.10
N ASN B 217 23.67 6.33 -12.93
CA ASN B 217 24.31 5.97 -11.66
C ASN B 217 24.10 4.47 -11.41
N GLN B 218 25.23 3.72 -11.27
CA GLN B 218 25.20 2.26 -11.16
C GLN B 218 24.54 1.79 -9.88
N SER B 219 24.66 2.56 -8.80
CA SER B 219 24.05 2.12 -7.56
C SER B 219 22.54 2.39 -7.58
N HIS B 220 22.11 3.34 -8.46
CA HIS B 220 20.70 3.59 -8.75
C HIS B 220 20.14 2.47 -9.62
N ARG B 221 20.93 2.15 -10.66
CA ARG B 221 20.73 0.98 -11.46
C ARG B 221 20.52 -0.28 -10.60
N ASP B 222 21.39 -0.47 -9.55
CA ASP B 222 21.35 -1.66 -8.72
C ASP B 222 20.04 -1.77 -7.94
N ARG B 223 19.53 -0.58 -7.44
CA ARG B 223 18.27 -0.55 -6.68
C ARG B 223 17.04 -0.86 -7.56
N VAL B 224 16.97 -0.22 -8.76
CA VAL B 224 15.89 -0.48 -9.71
C VAL B 224 15.84 -1.99 -10.04
N ILE B 225 16.98 -2.56 -10.45
CA ILE B 225 17.09 -4.02 -10.63
C ILE B 225 16.53 -4.78 -9.41
N GLY B 226 16.92 -4.38 -8.17
CA GLY B 226 16.46 -5.06 -6.97
C GLY B 226 14.95 -5.03 -6.77
N LEU B 227 14.34 -3.84 -7.03
CA LEU B 227 12.89 -3.73 -7.06
C LEU B 227 12.25 -4.63 -8.13
N MET B 228 12.85 -4.68 -9.34
CA MET B 228 12.31 -5.57 -10.37
C MET B 228 12.30 -7.00 -9.89
N MET B 229 13.39 -7.38 -9.18
CA MET B 229 13.53 -8.69 -8.62
C MET B 229 12.42 -8.99 -7.59
N THR B 230 12.05 -8.00 -6.75
CA THR B 230 10.94 -8.18 -5.81
C THR B 230 9.63 -8.30 -6.56
N ALA B 231 9.46 -7.44 -7.58
CA ALA B 231 8.26 -7.46 -8.40
C ALA B 231 8.03 -8.84 -9.04
N CYS B 232 9.12 -9.43 -9.56
CA CYS B 232 9.07 -10.75 -10.19
C CYS B 232 8.80 -11.88 -9.20
N ASP B 233 9.52 -11.79 -8.06
CA ASP B 233 9.35 -12.75 -6.97
C ASP B 233 7.91 -12.81 -6.49
N LEU B 234 7.25 -11.63 -6.44
CA LEU B 234 5.88 -11.50 -5.95
C LEU B 234 4.80 -11.63 -7.01
N CYS B 235 5.19 -11.90 -8.29
CA CYS B 235 4.25 -11.81 -9.40
C CYS B 235 3.01 -12.71 -9.35
N SER B 236 3.00 -13.71 -8.42
CA SER B 236 1.75 -14.43 -8.10
C SER B 236 0.57 -13.50 -7.96
N VAL B 237 0.81 -12.34 -7.31
CA VAL B 237 -0.24 -11.39 -7.01
C VAL B 237 -0.71 -10.66 -8.26
N THR B 238 -0.12 -10.97 -9.43
CA THR B 238 -0.41 -10.24 -10.65
C THR B 238 -0.98 -11.09 -11.76
N LYS B 239 -1.41 -12.32 -11.39
CA LYS B 239 -1.95 -13.26 -12.33
C LYS B 239 -3.47 -13.11 -12.27
N LEU B 240 -4.17 -13.90 -13.09
CA LEU B 240 -5.62 -13.88 -13.08
C LEU B 240 -6.05 -14.58 -11.79
N TRP B 241 -7.20 -14.13 -11.23
CA TRP B 241 -7.62 -14.54 -9.89
C TRP B 241 -7.54 -16.04 -9.61
N PRO B 242 -8.00 -16.90 -10.55
CA PRO B 242 -7.87 -18.33 -10.29
C PRO B 242 -6.43 -18.82 -10.07
N VAL B 243 -5.47 -18.30 -10.87
CA VAL B 243 -4.08 -18.70 -10.68
C VAL B 243 -3.55 -18.21 -9.32
N THR B 244 -3.83 -16.92 -9.04
CA THR B 244 -3.41 -16.25 -7.81
C THR B 244 -3.89 -16.99 -6.56
N LYS B 245 -5.18 -17.39 -6.55
CA LYS B 245 -5.79 -18.12 -5.43
C LYS B 245 -5.10 -19.47 -5.21
N LEU B 246 -4.83 -20.19 -6.32
CA LEU B 246 -4.14 -21.47 -6.25
C LEU B 246 -2.77 -21.34 -5.61
N THR B 247 -1.93 -20.44 -6.16
CA THR B 247 -0.57 -20.25 -5.68
C THR B 247 -0.55 -19.86 -4.20
N ALA B 248 -1.51 -19.01 -3.77
CA ALA B 248 -1.64 -18.69 -2.37
C ALA B 248 -1.74 -19.95 -1.51
N ASN B 249 -2.40 -21.02 -2.01
CA ASN B 249 -2.47 -22.27 -1.27
C ASN B 249 -1.09 -22.90 -1.04
N ASP B 250 -0.19 -22.72 -2.03
CA ASP B 250 1.14 -23.31 -1.99
C ASP B 250 2.00 -22.58 -0.98
N ILE B 251 1.81 -21.24 -0.91
CA ILE B 251 2.59 -20.39 -0.03
C ILE B 251 2.33 -20.83 1.40
N TYR B 252 1.04 -20.96 1.78
CA TYR B 252 0.68 -21.36 3.13
C TYR B 252 1.00 -22.83 3.46
N ALA B 253 0.84 -23.75 2.48
CA ALA B 253 1.27 -25.14 2.72
C ALA B 253 2.71 -25.15 3.20
N GLU B 254 3.61 -24.32 2.57
CA GLU B 254 5.01 -24.31 2.96
C GLU B 254 5.20 -23.70 4.35
N PHE B 255 4.45 -22.57 4.61
CA PHE B 255 4.56 -21.84 5.88
C PHE B 255 4.11 -22.71 7.03
N TRP B 256 2.98 -23.40 6.83
CA TRP B 256 2.43 -24.27 7.85
C TRP B 256 3.32 -25.47 8.15
N ALA B 257 4.00 -26.04 7.13
CA ALA B 257 4.99 -27.08 7.38
C ALA B 257 6.14 -26.57 8.27
N GLU B 258 6.56 -25.30 8.07
CA GLU B 258 7.56 -24.70 8.96
C GLU B 258 7.01 -24.53 10.37
N GLY B 259 5.80 -23.96 10.47
CA GLY B 259 5.06 -23.94 11.71
C GLY B 259 5.00 -25.29 12.39
N ASP B 260 4.54 -26.32 11.64
CA ASP B 260 4.48 -27.69 12.17
C ASP B 260 5.78 -28.16 12.82
N GLU B 261 6.92 -27.86 12.17
CA GLU B 261 8.23 -28.21 12.68
C GLU B 261 8.59 -27.47 13.95
N MET B 262 8.06 -26.26 14.14
CA MET B 262 8.38 -25.49 15.34
C MET B 262 7.60 -26.04 16.53
N LYS B 263 6.29 -26.40 16.27
CA LYS B 263 5.42 -26.98 17.29
C LYS B 263 6.01 -28.29 17.80
N LYS B 264 6.51 -29.13 16.83
CA LYS B 264 7.22 -30.39 17.13
C LYS B 264 8.35 -30.20 18.13
N LEU B 265 9.03 -29.03 18.06
CA LEU B 265 10.07 -28.67 19.01
C LEU B 265 9.54 -27.79 20.16
N GLY B 266 8.22 -27.86 20.49
CA GLY B 266 7.67 -27.10 21.59
C GLY B 266 7.91 -25.58 21.51
N ILE B 267 7.85 -25.03 20.25
CA ILE B 267 7.90 -23.57 20.02
C ILE B 267 6.68 -23.16 19.19
N GLN B 268 5.78 -22.34 19.81
CA GLN B 268 4.61 -21.86 19.09
C GLN B 268 5.04 -20.98 17.92
N PRO B 269 4.57 -21.31 16.68
CA PRO B 269 4.90 -20.42 15.57
C PRO B 269 4.01 -19.20 15.59
N ILE B 270 4.47 -18.15 14.88
CA ILE B 270 3.65 -16.98 14.62
C ILE B 270 2.43 -17.42 13.80
N PRO B 271 1.34 -16.59 13.81
CA PRO B 271 0.08 -16.92 13.16
C PRO B 271 0.12 -17.25 11.67
N MET B 272 0.92 -16.49 10.90
CA MET B 272 1.04 -16.74 9.47
C MET B 272 1.50 -18.18 9.21
N MET B 273 2.25 -18.75 10.17
CA MET B 273 2.80 -20.09 10.02
C MET B 273 2.06 -21.15 10.81
N ASP B 274 0.91 -20.77 11.39
CA ASP B 274 0.13 -21.69 12.20
C ASP B 274 -1.11 -22.11 11.43
N ARG B 275 -1.17 -23.38 11.00
CA ARG B 275 -2.32 -23.86 10.24
C ARG B 275 -3.65 -23.72 10.99
N ASP B 276 -3.59 -23.63 12.34
CA ASP B 276 -4.80 -23.50 13.13
C ASP B 276 -5.44 -22.14 12.95
N LYS B 277 -4.64 -21.16 12.49
CA LYS B 277 -5.09 -19.78 12.25
C LYS B 277 -5.34 -19.47 10.76
N LYS B 278 -5.68 -20.52 9.98
CA LYS B 278 -5.89 -20.43 8.53
C LYS B 278 -7.03 -19.52 8.10
N ASP B 279 -8.08 -19.42 8.96
CA ASP B 279 -9.25 -18.60 8.66
C ASP B 279 -8.84 -17.13 8.35
N GLU B 280 -7.71 -16.67 8.97
CA GLU B 280 -7.22 -15.32 8.81
C GLU B 280 -6.32 -15.12 7.57
N VAL B 281 -6.33 -16.11 6.62
CA VAL B 281 -5.51 -16.02 5.40
C VAL B 281 -5.96 -14.87 4.49
N PRO B 282 -7.27 -14.74 4.23
CA PRO B 282 -7.71 -13.60 3.42
C PRO B 282 -7.23 -12.23 3.94
N GLN B 283 -7.40 -12.01 5.30
CA GLN B 283 -7.00 -10.75 5.93
C GLN B 283 -5.49 -10.53 5.81
N GLY B 284 -4.71 -11.66 5.98
CA GLY B 284 -3.27 -11.65 5.83
C GLY B 284 -2.82 -11.22 4.44
N GLN B 285 -3.48 -11.77 3.41
CA GLN B 285 -3.25 -11.37 2.03
C GLN B 285 -3.56 -9.92 1.76
N LEU B 286 -4.74 -9.46 2.19
CA LEU B 286 -5.15 -8.06 2.01
C LEU B 286 -4.11 -7.10 2.60
N GLY B 287 -3.65 -7.43 3.82
CA GLY B 287 -2.66 -6.64 4.52
C GLY B 287 -1.33 -6.62 3.79
N PHE B 288 -0.94 -7.78 3.25
CA PHE B 288 0.31 -7.94 2.50
C PHE B 288 0.27 -7.18 1.18
N TYR B 289 -0.88 -7.28 0.48
CA TYR B 289 -1.05 -6.49 -0.75
C TYR B 289 -0.91 -4.99 -0.46
N ASN B 290 -1.55 -4.52 0.65
CA ASN B 290 -1.49 -3.10 0.96
C ASN B 290 -0.12 -2.63 1.44
N ALA B 291 0.58 -3.50 2.21
CA ALA B 291 1.83 -3.12 2.86
C ALA B 291 3.09 -3.37 2.01
N VAL B 292 3.00 -4.37 1.10
CA VAL B 292 4.16 -4.82 0.36
C VAL B 292 3.96 -4.73 -1.15
N ALA B 293 2.91 -5.43 -1.65
CA ALA B 293 2.71 -5.66 -3.08
C ALA B 293 2.44 -4.38 -3.82
N ILE B 294 1.39 -3.66 -3.37
CA ILE B 294 0.94 -2.47 -4.05
C ILE B 294 2.06 -1.41 -4.10
N PRO B 295 2.70 -1.07 -2.95
CA PRO B 295 3.82 -0.14 -3.01
C PRO B 295 4.93 -0.59 -3.94
N CYS B 296 5.28 -1.88 -3.89
CA CYS B 296 6.26 -2.43 -4.79
C CYS B 296 5.95 -2.09 -6.24
N TYR B 297 4.77 -2.51 -6.75
CA TYR B 297 4.43 -2.31 -8.16
C TYR B 297 4.16 -0.86 -8.49
N THR B 298 3.76 -0.07 -7.48
CA THR B 298 3.45 1.33 -7.71
C THR B 298 4.75 2.09 -8.05
N THR B 299 5.82 1.74 -7.32
CA THR B 299 7.10 2.33 -7.53
C THR B 299 7.74 1.82 -8.80
N LEU B 300 7.67 0.50 -9.04
CA LEU B 300 8.13 -0.05 -10.32
C LEU B 300 7.48 0.69 -11.48
N THR B 301 6.15 0.88 -11.42
CA THR B 301 5.43 1.56 -12.50
C THR B 301 5.87 3.00 -12.74
N GLN B 302 6.22 3.70 -11.64
CA GLN B 302 6.67 5.08 -11.74
C GLN B 302 8.02 5.19 -12.47
N ILE B 303 8.93 4.23 -12.17
CA ILE B 303 10.24 4.19 -12.77
C ILE B 303 10.21 3.61 -14.17
N LEU B 304 9.38 2.57 -14.38
CA LEU B 304 9.28 1.89 -15.66
C LEU B 304 7.80 1.79 -16.04
N PRO B 305 7.25 2.85 -16.66
CA PRO B 305 5.81 2.87 -16.93
C PRO B 305 5.22 1.67 -17.69
N PRO B 306 6.00 1.03 -18.61
CA PRO B 306 5.46 -0.18 -19.25
C PRO B 306 5.12 -1.34 -18.33
N THR B 307 5.57 -1.34 -17.06
CA THR B 307 5.24 -2.41 -16.11
C THR B 307 3.89 -2.25 -15.41
N GLU B 308 3.13 -1.21 -15.84
CA GLU B 308 1.88 -0.83 -15.20
C GLU B 308 0.80 -1.92 -15.14
N PRO B 309 0.74 -2.83 -16.15
CA PRO B 309 -0.21 -3.95 -16.05
C PRO B 309 -0.02 -4.88 -14.83
N LEU B 310 1.21 -4.89 -14.26
CA LEU B 310 1.45 -5.64 -13.01
C LEU B 310 0.64 -5.02 -11.85
N LEU B 311 0.70 -3.67 -11.76
CA LEU B 311 -0.06 -2.91 -10.76
C LEU B 311 -1.56 -3.12 -10.95
N LYS B 312 -2.02 -3.04 -12.22
CA LYS B 312 -3.42 -3.29 -12.51
C LYS B 312 -3.86 -4.65 -11.99
N ALA B 313 -3.11 -5.69 -12.38
CA ALA B 313 -3.41 -7.04 -11.98
C ALA B 313 -3.39 -7.18 -10.45
N CYS B 314 -2.34 -6.60 -9.81
CA CYS B 314 -2.26 -6.60 -8.36
C CYS B 314 -3.52 -5.97 -7.71
N ARG B 315 -3.94 -4.80 -8.23
CA ARG B 315 -5.15 -4.14 -7.74
C ARG B 315 -6.42 -5.00 -7.87
N ASP B 316 -6.60 -5.62 -9.06
CA ASP B 316 -7.68 -6.57 -9.28
C ASP B 316 -7.77 -7.67 -8.22
N ASN B 317 -6.65 -8.37 -7.94
CA ASN B 317 -6.66 -9.47 -6.97
C ASN B 317 -6.83 -8.99 -5.54
N LEU B 318 -6.35 -7.76 -5.25
CA LEU B 318 -6.57 -7.14 -3.95
C LEU B 318 -8.08 -7.00 -3.71
N SER B 319 -8.81 -6.51 -4.74
CA SER B 319 -10.26 -6.34 -4.60
C SER B 319 -10.94 -7.71 -4.40
N GLN B 320 -10.36 -8.74 -5.05
CA GLN B 320 -10.83 -10.11 -4.90
C GLN B 320 -10.67 -10.63 -3.48
N TRP B 321 -9.49 -10.39 -2.85
CA TRP B 321 -9.28 -10.75 -1.43
C TRP B 321 -10.26 -10.03 -0.49
N GLU B 322 -10.48 -8.72 -0.75
CA GLU B 322 -11.50 -7.95 -0.01
C GLU B 322 -12.86 -8.68 0.00
N LYS B 323 -13.31 -9.07 -1.21
CA LYS B 323 -14.57 -9.76 -1.40
C LYS B 323 -14.65 -11.08 -0.63
N VAL B 324 -13.52 -11.81 -0.56
CA VAL B 324 -13.48 -13.07 0.19
C VAL B 324 -13.69 -12.79 1.68
N ILE B 325 -12.94 -11.79 2.23
CA ILE B 325 -13.07 -11.36 3.62
C ILE B 325 -14.52 -10.96 3.95
N ARG B 326 -15.17 -10.14 3.04
CA ARG B 326 -16.51 -9.65 3.32
C ARG B 326 -17.65 -10.53 2.80
N GLY B 327 -17.29 -11.82 2.45
CA GLY B 327 -18.29 -12.84 2.21
C GLY B 327 -18.96 -12.85 0.85
N GLU B 328 -18.43 -12.05 -0.13
CA GLU B 328 -18.96 -12.07 -1.49
C GLU B 328 -18.31 -13.22 -2.21
ZN ZN C . -7.80 14.96 9.95
MG MG D . -6.84 17.65 12.22
CAA EIH E . -1.70 5.24 24.92
CAF EIH E . -0.54 4.75 25.52
CAE EIH E . 0.41 4.05 24.78
CAD EIH E . 0.21 3.84 23.42
CAC EIH E . -0.94 4.34 22.80
CAB EIH E . -1.91 5.02 23.55
CAG EIH E . -3.02 5.53 22.91
NAH EIH E . -3.41 5.25 21.65
CAK EIH E . -3.86 6.43 23.41
NAJ EIH E . -4.74 6.69 22.45
CAW EIH E . -5.89 7.63 22.56
CAI EIH E . -4.48 5.97 21.36
CAL EIH E . -5.27 5.99 20.04
SAM EIH E . -5.06 7.68 19.33
CAN EIH E . -5.92 7.64 17.77
NAO EIH E . -6.29 8.73 17.11
CAP EIH E . -6.89 8.28 16.02
CAS EIH E . -7.48 8.92 14.93
CAT EIH E . -8.03 8.16 13.91
CAU EIH E . -8.00 6.77 13.95
CAV EIH E . -7.41 6.13 15.02
NAQ EIH E . -6.85 6.87 16.07
NAR EIH E . -6.27 6.54 17.10
ZN ZN F . 11.40 -16.52 -4.78
MG MG G . 13.60 -16.61 -1.63
CAA EIH H . -1.22 -13.93 9.16
CAF EIH H . -2.02 -14.66 10.05
CAE EIH H . -2.75 -15.75 9.59
CAD EIH H . -2.69 -16.13 8.25
CAC EIH H . -1.89 -15.39 7.37
CAB EIH H . -1.16 -14.28 7.81
CAG EIH H . -0.34 -13.59 6.92
NAH EIH H . -0.18 -13.88 5.63
CAK EIH H . 0.47 -12.57 7.20
NAJ EIH H . 1.09 -12.24 6.06
CAW EIH H . 2.04 -11.14 5.91
CAI EIH H . 0.70 -13.04 5.08
CAL EIH H . 1.15 -13.06 3.64
SAM EIH H . 2.85 -13.80 3.42
CAN EIH H . 2.95 -13.82 1.66
NAO EIH H . 4.07 -13.92 0.94
CAP EIH H . 3.66 -13.87 -0.33
CAS EIH H . 4.31 -13.91 -1.54
CAT EIH H . 3.57 -13.83 -2.72
CAU EIH H . 2.18 -13.68 -2.71
CAV EIH H . 1.51 -13.64 -1.50
NAQ EIH H . 2.25 -13.73 -0.30
NAR EIH H . 1.89 -13.70 0.88
#